data_6ULY
#
_entry.id   6ULY
#
_cell.length_a   99.906
_cell.length_b   107.031
_cell.length_c   168.042
_cell.angle_alpha   90.000
_cell.angle_beta   90.000
_cell.angle_gamma   90.000
#
_symmetry.space_group_name_H-M   'P 21 21 21'
#
loop_
_entity.id
_entity.type
_entity.pdbx_description
1 polymer 'Amino acid adenylation domain-containing protein'
2 non-polymer "5'-O-{(S)-hydroxy[(4-methyl-2-oxopentanoyl)oxy]phosphoryl}adenosine"
3 non-polymer 'SULFATE ION'
4 non-polymer GLYCEROL
5 water water
#
_entity_poly.entity_id   1
_entity_poly.type   'polypeptide(L)'
_entity_poly.pdbx_seq_one_letter_code
;PALSYGGDLDVTQGAQTLQDVLTEAAKTTNGLTYIVNSKNELTQSYAQLQGDAERVLTGLRALGLKAGDPVFFQFSSNHA
MVTAFWACVLGGFVPTLVSAAPTYREMNAAVKKLHHAWKLLEHPLILTDDSLIEEVQGLAFLWHTDQLRVAAVEPMLTLE
RDTAAHPAAPDDSVFFILTSGSTGMPKCVEHSHRSVLANVKGTVAANQFTQEDVSLDWMPLDHIGGIVMFHLVNVYTGCE
QIRARTDDFIAQPLRWLDWMDRYRATKTWAPNFAFAMINDYEKEISSGSWDLSAMTCMINGAEAVVPKTIHRFLHLLAPH
GLKGDVIRPAFGMSEISSAVVFSFAIERGDENSGVLTFEETSLTEQLRPAEARETGTVSFTELGKPIPGITIRIVNHQHE
LLPEDHIGRVQIKGPTTMKGYYRNDEANQEVFQADGWFHTGDLGFLHEGRLTLTGREKDMIIINGKNYHNYEIEAIAEEV
PGVETSFVAACSVRMEASASDELILFFTPKLYEPAYIMRASQHIKSHIATKMGLSASRIIPVQKHAFPKTSSGKIERAQL
KTRWQEGAAAENLYFQ
;
_entity_poly.pdbx_strand_id   A,B
#
loop_
_chem_comp.id
_chem_comp.type
_chem_comp.name
_chem_comp.formula
GOL non-polymer GLYCEROL 'C3 H8 O3'
QA7 non-polymer 5'-O-{(S)-hydroxy[(4-methyl-2-oxopentanoyl)oxy]phosphoryl}adenosine 'C16 H22 N5 O9 P'
SO4 non-polymer 'SULFATE ION' 'O4 S -2'
#
# COMPACT_ATOMS: atom_id res chain seq x y z
N PRO A 1 -21.23 5.12 25.99
CA PRO A 1 -20.23 4.44 25.16
C PRO A 1 -19.31 5.42 24.45
N ALA A 2 -18.30 4.89 23.76
CA ALA A 2 -17.40 5.71 22.94
C ALA A 2 -18.07 6.08 21.61
N LEU A 3 -19.14 6.85 21.73
CA LEU A 3 -19.83 7.42 20.58
C LEU A 3 -20.24 8.84 20.94
N SER A 4 -19.70 9.83 20.22
CA SER A 4 -19.89 11.23 20.54
C SER A 4 -20.44 11.97 19.33
N TYR A 5 -21.56 12.67 19.53
CA TYR A 5 -22.21 13.47 18.50
C TYR A 5 -21.98 14.94 18.79
N GLY A 6 -21.64 15.69 17.74
CA GLY A 6 -21.38 17.11 17.88
C GLY A 6 -22.59 17.99 17.90
N GLY A 7 -23.79 17.43 17.78
CA GLY A 7 -25.02 18.21 17.77
C GLY A 7 -25.48 18.53 16.37
N ASP A 8 -26.73 18.99 16.29
CA ASP A 8 -27.32 19.27 14.99
C ASP A 8 -26.59 20.42 14.30
N LEU A 9 -26.36 20.25 13.01
CA LEU A 9 -25.78 21.28 12.16
C LEU A 9 -26.81 21.65 11.10
N ASP A 10 -27.29 22.89 11.15
CA ASP A 10 -28.26 23.38 10.18
C ASP A 10 -27.50 23.83 8.94
N VAL A 11 -27.38 22.91 7.96
CA VAL A 11 -26.67 23.23 6.73
C VAL A 11 -27.54 23.95 5.71
N THR A 12 -28.84 24.11 5.99
CA THR A 12 -29.69 24.91 5.12
C THR A 12 -29.42 26.40 5.27
N GLN A 13 -28.89 26.81 6.42
CA GLN A 13 -28.53 28.21 6.62
C GLN A 13 -27.29 28.54 5.79
N GLY A 14 -27.34 29.66 5.09
CA GLY A 14 -26.18 30.16 4.38
C GLY A 14 -26.02 29.57 3.00
N ALA A 15 -24.89 29.93 2.38
CA ALA A 15 -24.61 29.52 1.02
C ALA A 15 -24.62 28.00 0.89
N GLN A 16 -24.99 27.53 -0.30
CA GLN A 16 -25.11 26.11 -0.59
C GLN A 16 -24.10 25.61 -1.61
N THR A 17 -23.56 26.49 -2.45
CA THR A 17 -22.45 26.20 -3.34
C THR A 17 -21.33 27.20 -3.09
N LEU A 18 -20.13 26.88 -3.58
CA LEU A 18 -19.01 27.78 -3.39
C LEU A 18 -19.15 29.06 -4.19
N GLN A 19 -19.91 29.03 -5.29
CA GLN A 19 -20.21 30.26 -6.01
C GLN A 19 -20.92 31.27 -5.12
N ASP A 20 -21.90 30.80 -4.33
CA ASP A 20 -22.59 31.68 -3.41
C ASP A 20 -21.66 32.20 -2.31
N VAL A 21 -20.66 31.39 -1.93
CA VAL A 21 -19.69 31.85 -0.95
C VAL A 21 -18.91 33.05 -1.50
N LEU A 22 -18.44 32.93 -2.74
CA LEU A 22 -17.68 34.00 -3.36
C LEU A 22 -18.53 35.24 -3.58
N THR A 23 -19.79 35.04 -3.97
CA THR A 23 -20.68 36.18 -4.18
C THR A 23 -20.86 36.98 -2.90
N GLU A 24 -21.23 36.31 -1.80
CA GLU A 24 -21.44 37.02 -0.55
C GLU A 24 -20.14 37.62 -0.02
N ALA A 25 -19.00 36.97 -0.29
CA ALA A 25 -17.73 37.51 0.16
C ALA A 25 -17.35 38.76 -0.63
N ALA A 26 -17.65 38.77 -1.94
CA ALA A 26 -17.37 39.91 -2.79
C ALA A 26 -18.17 41.14 -2.41
N LYS A 27 -19.20 41.00 -1.58
CA LYS A 27 -19.97 42.14 -1.11
C LYS A 27 -19.32 42.84 0.08
N THR A 28 -18.39 42.17 0.76
CA THR A 28 -17.65 42.80 1.84
C THR A 28 -16.52 43.64 1.26
N THR A 29 -15.79 44.32 2.15
CA THR A 29 -14.58 45.02 1.77
C THR A 29 -13.33 44.23 2.10
N ASN A 30 -13.48 43.02 2.64
CA ASN A 30 -12.34 42.20 3.00
C ASN A 30 -11.84 41.43 1.78
N GLY A 31 -10.74 40.72 1.97
CA GLY A 31 -10.19 39.87 0.93
C GLY A 31 -8.88 39.23 1.32
N LEU A 32 -8.04 38.99 0.33
CA LEU A 32 -6.78 38.28 0.51
C LEU A 32 -5.61 39.23 0.45
N THR A 33 -4.56 38.91 1.20
CA THR A 33 -3.28 39.60 1.11
C THR A 33 -2.18 38.56 1.03
N TYR A 34 -1.42 38.59 -0.06
CA TYR A 34 -0.34 37.65 -0.31
C TYR A 34 0.98 38.29 0.07
N ILE A 35 1.71 37.67 0.98
CA ILE A 35 2.99 38.19 1.44
C ILE A 35 4.06 37.87 0.39
N VAL A 36 4.86 38.87 0.06
CA VAL A 36 6.01 38.70 -0.83
C VAL A 36 7.32 38.74 -0.06
N ASN A 37 7.45 39.66 0.89
CA ASN A 37 8.63 39.74 1.75
C ASN A 37 8.25 40.62 2.94
N SER A 38 9.26 40.98 3.76
CA SER A 38 9.01 41.72 4.97
C SER A 38 8.41 43.10 4.70
N LYS A 39 8.58 43.64 3.50
CA LYS A 39 8.09 44.97 3.16
C LYS A 39 6.92 44.96 2.19
N ASN A 40 6.90 44.04 1.22
CA ASN A 40 5.97 44.09 0.11
C ASN A 40 4.88 43.04 0.24
N GLU A 41 3.65 43.43 -0.09
CA GLU A 41 2.51 42.53 -0.10
C GLU A 41 1.67 42.81 -1.33
N LEU A 42 0.86 41.82 -1.71
CA LEU A 42 -0.05 41.93 -2.85
C LEU A 42 -1.46 41.67 -2.35
N THR A 43 -2.34 42.66 -2.50
CA THR A 43 -3.71 42.56 -2.03
C THR A 43 -4.64 42.14 -3.16
N GLN A 44 -5.73 41.48 -2.79
CA GLN A 44 -6.74 41.02 -3.73
C GLN A 44 -8.04 40.89 -2.96
N SER A 45 -8.87 41.93 -3.01
CA SER A 45 -10.15 41.88 -2.32
C SER A 45 -10.98 40.71 -2.85
N TYR A 46 -11.96 40.31 -2.04
CA TYR A 46 -12.89 39.27 -2.50
C TYR A 46 -13.61 39.71 -3.77
N ALA A 47 -13.84 41.03 -3.91
CA ALA A 47 -14.41 41.55 -5.15
C ALA A 47 -13.41 41.41 -6.30
N GLN A 48 -12.14 41.72 -6.06
CA GLN A 48 -11.12 41.54 -7.08
C GLN A 48 -10.96 40.06 -7.41
N LEU A 49 -10.98 39.19 -6.39
CA LEU A 49 -10.87 37.76 -6.64
C LEU A 49 -11.95 37.28 -7.60
N GLN A 50 -13.19 37.73 -7.40
CA GLN A 50 -14.28 37.30 -8.27
C GLN A 50 -14.01 37.71 -9.72
N GLY A 51 -13.62 38.96 -9.94
CA GLY A 51 -13.29 39.40 -11.28
C GLY A 51 -12.06 38.70 -11.84
N ASP A 52 -11.00 38.59 -11.03
CA ASP A 52 -9.83 37.83 -11.46
C ASP A 52 -10.22 36.40 -11.82
N ALA A 53 -11.05 35.75 -11.00
CA ALA A 53 -11.48 34.40 -11.31
C ALA A 53 -12.27 34.37 -12.62
N GLU A 54 -13.07 35.40 -12.87
CA GLU A 54 -13.81 35.47 -14.13
C GLU A 54 -12.88 35.68 -15.32
N ARG A 55 -11.79 36.44 -15.14
CA ARG A 55 -10.81 36.59 -16.20
C ARG A 55 -10.15 35.26 -16.51
N VAL A 56 -9.64 34.58 -15.48
CA VAL A 56 -9.04 33.26 -15.69
C VAL A 56 -10.05 32.33 -16.35
N LEU A 57 -11.33 32.45 -15.98
CA LEU A 57 -12.35 31.59 -16.56
C LEU A 57 -12.43 31.77 -18.08
N THR A 58 -12.21 32.99 -18.57
CA THR A 58 -12.23 33.21 -20.01
C THR A 58 -11.17 32.37 -20.70
N GLY A 59 -9.96 32.33 -20.14
CA GLY A 59 -8.90 31.56 -20.76
C GLY A 59 -9.15 30.06 -20.69
N LEU A 60 -9.65 29.58 -19.56
CA LEU A 60 -9.92 28.15 -19.41
C LEU A 60 -10.96 27.70 -20.43
N ARG A 61 -12.03 28.47 -20.61
CA ARG A 61 -13.02 28.11 -21.61
C ARG A 61 -12.46 28.24 -23.02
N ALA A 62 -11.50 29.16 -23.22
CA ALA A 62 -10.85 29.25 -24.52
C ALA A 62 -10.04 28.00 -24.82
N LEU A 63 -9.56 27.31 -23.79
CA LEU A 63 -8.82 26.07 -23.96
C LEU A 63 -9.73 24.85 -24.07
N GLY A 64 -11.05 25.04 -24.03
CA GLY A 64 -11.99 23.96 -24.26
C GLY A 64 -12.56 23.34 -23.02
N LEU A 65 -12.26 23.86 -21.83
CA LEU A 65 -12.72 23.24 -20.60
C LEU A 65 -14.23 23.35 -20.46
N LYS A 66 -14.87 22.22 -20.21
CA LYS A 66 -16.31 22.15 -20.00
C LYS A 66 -16.61 21.81 -18.54
N ALA A 67 -17.79 22.20 -18.08
CA ALA A 67 -18.20 21.92 -16.72
C ALA A 67 -18.08 20.43 -16.43
N GLY A 68 -17.46 20.10 -15.30
CA GLY A 68 -17.19 18.73 -14.92
C GLY A 68 -15.78 18.25 -15.25
N ASP A 69 -15.11 18.91 -16.19
CA ASP A 69 -13.74 18.54 -16.51
C ASP A 69 -12.83 18.75 -15.31
N PRO A 70 -11.89 17.85 -15.07
CA PRO A 70 -10.88 18.11 -14.04
C PRO A 70 -9.78 19.03 -14.56
N VAL A 71 -9.14 19.70 -13.62
CA VAL A 71 -8.03 20.61 -13.89
C VAL A 71 -6.93 20.32 -12.89
N PHE A 72 -5.71 20.08 -13.40
CA PHE A 72 -4.60 19.65 -12.58
C PHE A 72 -3.79 20.87 -12.14
N PHE A 73 -3.84 21.18 -10.84
CA PHE A 73 -3.15 22.34 -10.32
C PHE A 73 -1.70 22.02 -9.99
N GLN A 74 -0.79 22.88 -10.47
CA GLN A 74 0.65 22.78 -10.19
C GLN A 74 1.15 24.21 -10.00
N PHE A 75 1.05 24.71 -8.78
CA PHE A 75 1.27 26.11 -8.48
C PHE A 75 2.38 26.27 -7.44
N SER A 76 3.15 27.36 -7.61
CA SER A 76 4.00 27.89 -6.56
C SER A 76 3.47 29.19 -5.99
N SER A 77 2.58 29.88 -6.70
CA SER A 77 2.05 31.16 -6.29
C SER A 77 0.68 30.97 -5.65
N ASN A 78 0.52 31.44 -4.42
CA ASN A 78 -0.80 31.44 -3.78
C ASN A 78 -1.79 32.28 -4.58
N HIS A 79 -1.36 33.45 -5.06
CA HIS A 79 -2.26 34.33 -5.80
C HIS A 79 -2.83 33.61 -7.03
N ALA A 80 -1.95 32.99 -7.83
CA ALA A 80 -2.42 32.31 -9.03
C ALA A 80 -3.29 31.09 -8.67
N MET A 81 -2.97 30.38 -7.58
CA MET A 81 -3.71 29.17 -7.26
C MET A 81 -5.10 29.49 -6.72
N VAL A 82 -5.18 30.43 -5.76
CA VAL A 82 -6.48 30.89 -5.27
C VAL A 82 -7.36 31.35 -6.42
N THR A 83 -6.78 32.14 -7.33
CA THR A 83 -7.55 32.65 -8.46
C THR A 83 -7.96 31.52 -9.39
N ALA A 84 -7.04 30.59 -9.66
CA ALA A 84 -7.35 29.45 -10.53
C ALA A 84 -8.42 28.57 -9.90
N PHE A 85 -8.40 28.41 -8.58
CA PHE A 85 -9.40 27.59 -7.91
C PHE A 85 -10.79 28.17 -8.12
N TRP A 86 -10.94 29.48 -7.98
CA TRP A 86 -12.26 30.08 -8.08
C TRP A 86 -12.72 30.20 -9.52
N ALA A 87 -11.79 30.40 -10.46
CA ALA A 87 -12.17 30.28 -11.87
C ALA A 87 -12.80 28.92 -12.14
N CYS A 88 -12.21 27.86 -11.61
CA CYS A 88 -12.77 26.52 -11.79
C CYS A 88 -14.13 26.40 -11.12
N VAL A 89 -14.26 26.92 -9.89
CA VAL A 89 -15.56 26.96 -9.24
C VAL A 89 -16.60 27.65 -10.12
N LEU A 90 -16.23 28.77 -10.74
CA LEU A 90 -17.17 29.50 -11.58
C LEU A 90 -17.54 28.69 -12.82
N GLY A 91 -16.57 28.01 -13.41
CA GLY A 91 -16.82 27.26 -14.62
C GLY A 91 -17.39 25.88 -14.42
N GLY A 92 -17.59 25.45 -13.17
CA GLY A 92 -17.95 24.06 -12.93
C GLY A 92 -16.83 23.08 -13.16
N PHE A 93 -15.61 23.58 -13.30
CA PHE A 93 -14.45 22.72 -13.43
C PHE A 93 -14.04 22.22 -12.05
N VAL A 94 -13.42 21.05 -12.02
CA VAL A 94 -13.04 20.40 -10.77
C VAL A 94 -11.53 20.48 -10.58
N PRO A 95 -11.04 21.35 -9.70
CA PRO A 95 -9.60 21.41 -9.45
C PRO A 95 -9.10 20.13 -8.80
N THR A 96 -7.88 19.77 -9.15
CA THR A 96 -7.15 18.68 -8.51
C THR A 96 -6.04 19.31 -7.69
N LEU A 97 -6.24 19.39 -6.38
CA LEU A 97 -5.30 20.04 -5.49
C LEU A 97 -4.16 19.07 -5.16
N VAL A 98 -2.97 19.36 -5.67
CA VAL A 98 -1.78 18.57 -5.37
C VAL A 98 -0.56 19.48 -5.47
N SER A 99 0.33 19.36 -4.50
CA SER A 99 1.52 20.21 -4.48
C SER A 99 2.37 19.95 -5.70
N ALA A 100 3.13 20.99 -6.10
CA ALA A 100 4.09 20.83 -7.17
C ALA A 100 5.23 19.94 -6.72
N ALA A 101 5.89 19.30 -7.68
CA ALA A 101 7.01 18.43 -7.36
C ALA A 101 8.21 19.27 -6.91
N PRO A 102 9.06 18.70 -6.06
CA PRO A 102 10.31 19.42 -5.71
C PRO A 102 11.20 19.67 -6.92
N THR A 103 11.14 18.80 -7.93
CA THR A 103 11.85 19.02 -9.18
C THR A 103 11.14 18.26 -10.29
N TYR A 104 11.27 18.77 -11.51
CA TYR A 104 10.70 18.15 -12.70
C TYR A 104 11.77 17.67 -13.68
N ARG A 105 13.03 17.62 -13.24
CA ARG A 105 14.12 17.22 -14.13
C ARG A 105 14.37 15.72 -14.15
N GLU A 106 13.84 14.97 -13.18
CA GLU A 106 14.05 13.53 -13.13
C GLU A 106 12.79 12.84 -12.63
N MET A 107 12.72 11.54 -12.87
CA MET A 107 11.53 10.74 -12.58
C MET A 107 11.56 10.26 -11.12
N ASN A 108 11.41 11.23 -10.22
CA ASN A 108 11.42 10.93 -8.79
C ASN A 108 10.03 10.52 -8.31
N ALA A 109 9.92 10.25 -7.01
CA ALA A 109 8.68 9.75 -6.44
C ALA A 109 7.53 10.71 -6.68
N ALA A 110 7.72 11.99 -6.31
CA ALA A 110 6.67 12.98 -6.52
C ALA A 110 6.20 13.00 -7.97
N VAL A 111 7.15 12.94 -8.91
CA VAL A 111 6.79 12.98 -10.33
C VAL A 111 6.00 11.74 -10.72
N LYS A 112 6.35 10.59 -10.15
CA LYS A 112 5.59 9.36 -10.44
C LYS A 112 4.15 9.50 -9.95
N LYS A 113 3.97 10.01 -8.72
CA LYS A 113 2.63 10.17 -8.19
C LYS A 113 1.79 11.12 -9.03
N LEU A 114 2.40 12.24 -9.49
CA LEU A 114 1.66 13.15 -10.36
C LEU A 114 1.21 12.44 -11.63
N HIS A 115 2.07 11.62 -12.22
CA HIS A 115 1.70 10.90 -13.43
C HIS A 115 0.51 9.97 -13.18
N HIS A 116 0.50 9.30 -12.03
CA HIS A 116 -0.61 8.41 -11.72
C HIS A 116 -1.93 9.15 -11.71
N ALA A 117 -2.02 10.19 -10.88
CA ALA A 117 -3.25 10.98 -10.81
C ALA A 117 -3.59 11.60 -12.16
N TRP A 118 -2.59 12.13 -12.86
CA TRP A 118 -2.82 12.74 -14.16
C TRP A 118 -3.45 11.74 -15.12
N LYS A 119 -2.90 10.52 -15.16
CA LYS A 119 -3.46 9.48 -16.02
C LYS A 119 -4.83 9.02 -15.52
N LEU A 120 -5.01 8.94 -14.21
CA LEU A 120 -6.31 8.54 -13.68
C LEU A 120 -7.40 9.51 -14.08
N LEU A 121 -7.07 10.79 -14.20
CA LEU A 121 -8.00 11.84 -14.59
C LEU A 121 -8.08 12.03 -16.09
N GLU A 122 -7.54 11.10 -16.87
CA GLU A 122 -7.60 11.14 -18.33
C GLU A 122 -6.97 12.42 -18.88
N HIS A 123 -5.72 12.66 -18.49
CA HIS A 123 -4.89 13.69 -19.09
C HIS A 123 -5.56 15.06 -19.02
N PRO A 124 -5.83 15.58 -17.83
CA PRO A 124 -6.42 16.91 -17.72
C PRO A 124 -5.40 18.01 -17.97
N LEU A 125 -5.92 19.16 -18.38
CA LEU A 125 -5.08 20.34 -18.52
C LEU A 125 -4.37 20.61 -17.20
N ILE A 126 -3.07 20.83 -17.26
CA ILE A 126 -2.30 21.23 -16.09
C ILE A 126 -2.24 22.75 -16.06
N LEU A 127 -2.63 23.32 -14.93
CA LEU A 127 -2.66 24.75 -14.71
C LEU A 127 -1.59 25.10 -13.69
N THR A 128 -0.77 26.11 -13.99
CA THR A 128 0.43 26.36 -13.20
C THR A 128 0.78 27.85 -13.28
N ASP A 129 1.98 28.17 -12.78
CA ASP A 129 2.52 29.51 -12.76
C ASP A 129 3.47 29.74 -13.93
N ASP A 130 3.76 31.02 -14.20
CA ASP A 130 4.83 31.35 -15.12
C ASP A 130 6.17 30.86 -14.60
N SER A 131 6.36 30.89 -13.27
CA SER A 131 7.61 30.43 -12.66
C SER A 131 7.77 28.92 -12.73
N LEU A 132 6.72 28.17 -13.05
CA LEU A 132 6.79 26.71 -13.12
C LEU A 132 6.49 26.13 -14.50
N ILE A 133 5.89 26.90 -15.41
CA ILE A 133 5.38 26.30 -16.64
C ILE A 133 6.51 25.64 -17.43
N GLU A 134 7.70 26.22 -17.39
CA GLU A 134 8.84 25.60 -18.08
C GLU A 134 9.15 24.24 -17.48
N GLU A 135 9.28 24.17 -16.16
CA GLU A 135 9.50 22.90 -15.49
C GLU A 135 8.37 21.91 -15.77
N VAL A 136 7.13 22.34 -15.55
CA VAL A 136 6.00 21.44 -15.71
C VAL A 136 5.92 20.90 -17.14
N GLN A 137 6.32 21.72 -18.13
CA GLN A 137 6.31 21.26 -19.51
C GLN A 137 7.32 20.14 -19.74
N GLY A 138 8.35 20.04 -18.90
CA GLY A 138 9.33 18.97 -19.03
C GLY A 138 8.74 17.59 -18.82
N LEU A 139 7.59 17.50 -18.15
CA LEU A 139 6.95 16.21 -17.95
C LEU A 139 6.59 15.52 -19.25
N ALA A 140 6.48 16.28 -20.35
CA ALA A 140 6.18 15.66 -21.64
C ALA A 140 7.28 14.70 -22.06
N PHE A 141 8.52 15.02 -21.73
CA PHE A 141 9.63 14.11 -22.02
C PHE A 141 9.78 13.05 -20.93
N LEU A 142 9.58 13.43 -19.67
CA LEU A 142 9.71 12.46 -18.58
C LEU A 142 8.68 11.34 -18.71
N TRP A 143 7.46 11.69 -19.11
CA TRP A 143 6.37 10.72 -19.21
C TRP A 143 6.24 10.14 -20.61
N HIS A 144 7.07 10.56 -21.55
CA HIS A 144 7.05 10.07 -22.93
C HIS A 144 5.62 10.10 -23.48
N THR A 145 5.04 11.29 -23.45
CA THR A 145 3.64 11.48 -23.81
C THR A 145 3.51 12.70 -24.72
N ASP A 146 2.55 12.62 -25.64
CA ASP A 146 2.15 13.73 -26.47
C ASP A 146 0.82 14.33 -26.02
N GLN A 147 0.29 13.87 -24.90
CA GLN A 147 -1.01 14.30 -24.39
C GLN A 147 -0.91 15.35 -23.30
N LEU A 148 0.29 15.83 -23.01
CA LEU A 148 0.48 16.83 -21.97
C LEU A 148 0.03 18.19 -22.49
N ARG A 149 -0.75 18.91 -21.66
CA ARG A 149 -1.21 20.25 -21.97
C ARG A 149 -1.04 21.12 -20.75
N VAL A 150 -0.35 22.25 -20.92
CA VAL A 150 -0.03 23.15 -19.81
C VAL A 150 -0.46 24.56 -20.19
N ALA A 151 -0.79 25.36 -19.17
CA ALA A 151 -1.18 26.75 -19.38
C ALA A 151 -0.95 27.51 -18.08
N ALA A 152 -0.39 28.71 -18.19
CA ALA A 152 -0.13 29.54 -17.04
C ALA A 152 -1.33 30.42 -16.73
N VAL A 153 -1.48 30.78 -15.46
CA VAL A 153 -2.62 31.55 -15.00
C VAL A 153 -2.41 33.05 -15.21
N GLU A 154 -1.22 33.58 -14.89
CA GLU A 154 -0.99 35.02 -15.01
C GLU A 154 -1.38 35.57 -16.38
N PRO A 155 -0.98 34.96 -17.50
CA PRO A 155 -1.48 35.44 -18.80
C PRO A 155 -2.99 35.58 -18.87
N MET A 156 -3.73 34.72 -18.17
CA MET A 156 -5.18 34.79 -18.22
C MET A 156 -5.72 35.98 -17.44
N LEU A 157 -4.97 36.47 -16.45
CA LEU A 157 -5.43 37.60 -15.66
C LEU A 157 -5.59 38.87 -16.49
N THR A 158 -5.08 38.89 -17.72
CA THR A 158 -5.20 40.05 -18.59
C THR A 158 -6.35 39.93 -19.58
N LEU A 159 -7.28 39.03 -19.31
CA LEU A 159 -8.40 38.78 -20.23
C LEU A 159 -9.66 39.47 -19.73
N GLU A 160 -10.64 39.53 -20.63
CA GLU A 160 -11.98 40.00 -20.26
C GLU A 160 -12.61 39.04 -19.26
N ARG A 161 -13.44 39.59 -18.37
CA ARG A 161 -14.14 38.77 -17.40
C ARG A 161 -15.24 37.98 -18.09
N ASP A 162 -15.32 36.69 -17.78
CA ASP A 162 -16.42 35.82 -18.21
C ASP A 162 -17.40 35.74 -17.04
N THR A 163 -18.53 36.43 -17.18
CA THR A 163 -19.49 36.57 -16.10
C THR A 163 -20.55 35.47 -16.08
N ALA A 164 -20.45 34.49 -16.98
CA ALA A 164 -21.45 33.42 -17.08
C ALA A 164 -20.98 32.25 -16.23
N ALA A 165 -21.36 32.26 -14.95
CA ALA A 165 -20.99 31.19 -14.03
C ALA A 165 -21.89 29.98 -14.25
N HIS A 166 -21.27 28.82 -14.43
CA HIS A 166 -22.03 27.58 -14.57
C HIS A 166 -22.90 27.37 -13.34
N PRO A 167 -24.19 27.10 -13.49
CA PRO A 167 -25.03 26.87 -12.31
C PRO A 167 -24.70 25.53 -11.68
N ALA A 168 -24.23 25.57 -10.45
CA ALA A 168 -23.77 24.38 -9.74
C ALA A 168 -24.82 23.92 -8.75
N ALA A 169 -24.85 22.60 -8.54
CA ALA A 169 -25.70 21.96 -7.54
C ALA A 169 -24.86 21.54 -6.33
N PRO A 170 -25.41 21.62 -5.12
CA PRO A 170 -24.62 21.28 -3.93
C PRO A 170 -23.89 19.94 -4.01
N ASP A 171 -24.44 18.96 -4.71
CA ASP A 171 -23.81 17.64 -4.78
C ASP A 171 -22.81 17.52 -5.90
N ASP A 172 -22.70 18.53 -6.77
CA ASP A 172 -21.65 18.53 -7.77
C ASP A 172 -20.28 18.41 -7.10
N SER A 173 -19.38 17.69 -7.74
CA SER A 173 -18.00 17.64 -7.26
C SER A 173 -17.36 19.02 -7.39
N VAL A 174 -16.72 19.47 -6.32
CA VAL A 174 -16.13 20.81 -6.27
C VAL A 174 -14.63 20.77 -6.47
N PHE A 175 -13.94 19.75 -5.94
CA PHE A 175 -12.54 19.56 -6.26
C PHE A 175 -12.09 18.15 -5.87
N PHE A 176 -11.00 17.72 -6.49
CA PHE A 176 -10.24 16.56 -6.06
C PHE A 176 -9.09 17.01 -5.17
N ILE A 177 -8.64 16.12 -4.29
CA ILE A 177 -7.45 16.36 -3.49
C ILE A 177 -6.76 15.02 -3.25
N LEU A 178 -5.43 15.04 -3.36
CA LEU A 178 -4.63 13.83 -3.29
C LEU A 178 -4.17 13.59 -1.86
N THR A 179 -4.15 12.31 -1.47
CA THR A 179 -3.76 11.92 -0.12
C THR A 179 -2.26 12.02 0.07
N GLY A 184 2.97 4.50 -1.13
CA GLY A 184 2.16 4.05 -2.24
C GLY A 184 1.65 5.20 -3.08
N MET A 185 0.94 4.88 -4.16
CA MET A 185 0.37 5.92 -5.01
C MET A 185 -0.75 6.63 -4.25
N PRO A 186 -0.84 7.96 -4.38
CA PRO A 186 -1.91 8.67 -3.67
C PRO A 186 -3.27 8.39 -4.30
N LYS A 187 -4.30 8.49 -3.47
CA LYS A 187 -5.67 8.35 -3.92
C LYS A 187 -6.27 9.74 -4.16
N CYS A 188 -7.39 9.74 -4.86
CA CYS A 188 -7.98 10.96 -5.39
C CYS A 188 -9.29 11.23 -4.67
N VAL A 189 -9.21 12.00 -3.58
CA VAL A 189 -10.39 12.31 -2.78
C VAL A 189 -11.27 13.27 -3.56
N GLU A 190 -12.50 12.86 -3.85
CA GLU A 190 -13.44 13.67 -4.60
C GLU A 190 -14.49 14.23 -3.65
N HIS A 191 -14.60 15.55 -3.60
CA HIS A 191 -15.50 16.23 -2.68
C HIS A 191 -16.58 16.99 -3.45
N SER A 192 -17.66 17.27 -2.76
CA SER A 192 -18.76 18.06 -3.30
C SER A 192 -18.84 19.38 -2.54
N HIS A 193 -19.63 20.31 -3.10
CA HIS A 193 -19.91 21.55 -2.38
C HIS A 193 -20.52 21.26 -1.02
N ARG A 194 -21.40 20.26 -0.95
CA ARG A 194 -22.13 19.97 0.28
C ARG A 194 -21.18 19.47 1.37
N SER A 195 -20.30 18.52 1.04
CA SER A 195 -19.42 17.97 2.07
C SER A 195 -18.44 19.01 2.56
N VAL A 196 -17.88 19.82 1.66
CA VAL A 196 -16.95 20.86 2.08
C VAL A 196 -17.67 21.90 2.93
N LEU A 197 -18.79 22.42 2.43
CA LEU A 197 -19.50 23.46 3.16
C LEU A 197 -19.99 22.96 4.52
N ALA A 198 -20.32 21.67 4.61
CA ALA A 198 -20.74 21.12 5.89
C ALA A 198 -19.60 21.19 6.91
N ASN A 199 -18.38 20.89 6.47
CA ASN A 199 -17.23 21.05 7.35
C ASN A 199 -16.99 22.52 7.68
N VAL A 200 -17.09 23.38 6.67
CA VAL A 200 -16.91 24.81 6.90
C VAL A 200 -17.91 25.31 7.94
N LYS A 201 -19.19 24.98 7.75
CA LYS A 201 -20.22 25.47 8.66
C LYS A 201 -20.05 24.86 10.05
N GLY A 202 -19.72 23.58 10.12
CA GLY A 202 -19.42 23.00 11.42
C GLY A 202 -18.22 23.64 12.07
N THR A 203 -17.16 23.89 11.30
CA THR A 203 -15.95 24.50 11.84
C THR A 203 -16.23 25.92 12.33
N VAL A 204 -17.00 26.70 11.57
CA VAL A 204 -17.31 28.06 11.96
C VAL A 204 -18.09 28.08 13.28
N ALA A 205 -19.05 27.16 13.42
CA ALA A 205 -19.88 27.15 14.63
C ALA A 205 -19.09 26.72 15.85
N ALA A 206 -18.22 25.72 15.71
CA ALA A 206 -17.47 25.23 16.86
C ALA A 206 -16.45 26.27 17.33
N ASN A 207 -15.80 26.97 16.40
CA ASN A 207 -14.80 27.95 16.74
C ASN A 207 -15.34 29.36 16.89
N GLN A 208 -16.61 29.59 16.51
CA GLN A 208 -17.21 30.93 16.55
C GLN A 208 -16.44 31.89 15.65
N PHE A 209 -15.96 31.38 14.52
CA PHE A 209 -15.33 32.23 13.53
C PHE A 209 -16.32 33.29 13.04
N THR A 210 -15.79 34.46 12.69
CA THR A 210 -16.61 35.60 12.30
C THR A 210 -15.92 36.37 11.19
N GLN A 211 -16.68 37.30 10.59
CA GLN A 211 -16.14 38.14 9.53
C GLN A 211 -15.04 39.07 10.01
N GLU A 212 -14.91 39.26 11.33
CA GLU A 212 -13.89 40.13 11.89
C GLU A 212 -12.56 39.42 12.14
N ASP A 213 -12.50 38.10 11.94
CA ASP A 213 -11.24 37.40 12.08
C ASP A 213 -10.21 37.94 11.09
N VAL A 214 -8.95 37.87 11.48
CA VAL A 214 -7.82 38.10 10.58
C VAL A 214 -7.03 36.81 10.50
N SER A 215 -6.98 36.21 9.31
CA SER A 215 -6.43 34.88 9.14
C SER A 215 -5.04 34.92 8.52
N LEU A 216 -4.13 34.12 9.07
CA LEU A 216 -2.79 33.95 8.54
C LEU A 216 -2.54 32.47 8.30
N ASP A 217 -2.16 32.12 7.07
CA ASP A 217 -1.88 30.73 6.72
C ASP A 217 -0.70 30.68 5.76
N TRP A 218 0.35 29.96 6.14
CA TRP A 218 1.44 29.64 5.24
C TRP A 218 1.46 28.17 4.81
N MET A 219 0.58 27.35 5.38
CA MET A 219 0.53 25.95 4.98
C MET A 219 0.03 25.83 3.54
N PRO A 220 0.44 24.78 2.83
CA PRO A 220 0.05 24.65 1.41
C PRO A 220 -1.46 24.61 1.24
N LEU A 221 -1.94 25.30 0.20
CA LEU A 221 -3.34 25.23 -0.18
C LEU A 221 -3.74 23.88 -0.75
N ASP A 222 -2.76 23.02 -1.05
CA ASP A 222 -3.04 21.64 -1.44
C ASP A 222 -3.25 20.73 -0.24
N HIS A 223 -2.99 21.21 0.96
CA HIS A 223 -3.36 20.51 2.19
C HIS A 223 -4.81 20.88 2.54
N ILE A 224 -5.57 19.87 2.97
CA ILE A 224 -7.01 20.05 3.18
C ILE A 224 -7.26 21.14 4.21
N GLY A 225 -6.40 21.24 5.23
CA GLY A 225 -6.55 22.31 6.20
C GLY A 225 -6.25 23.68 5.61
N GLY A 226 -5.42 23.74 4.57
CA GLY A 226 -5.17 25.01 3.91
C GLY A 226 -6.33 25.45 3.05
N ILE A 227 -6.92 24.52 2.30
CA ILE A 227 -7.97 24.91 1.36
C ILE A 227 -9.31 25.04 2.07
N VAL A 228 -9.65 24.10 2.94
CA VAL A 228 -10.97 24.10 3.58
C VAL A 228 -10.91 24.78 4.94
N MET A 229 -10.13 24.22 5.86
CA MET A 229 -10.20 24.68 7.24
C MET A 229 -9.92 26.18 7.36
N PHE A 230 -9.17 26.74 6.42
CA PHE A 230 -8.83 28.17 6.47
C PHE A 230 -9.36 28.90 5.24
N HIS A 231 -8.83 28.64 4.05
CA HIS A 231 -9.21 29.46 2.90
C HIS A 231 -10.72 29.52 2.73
N LEU A 232 -11.38 28.35 2.63
CA LEU A 232 -12.82 28.36 2.39
C LEU A 232 -13.59 28.84 3.62
N VAL A 233 -13.14 28.46 4.82
CA VAL A 233 -13.73 29.02 6.03
C VAL A 233 -13.65 30.54 6.02
N ASN A 234 -12.52 31.07 5.53
CA ASN A 234 -12.33 32.51 5.53
C ASN A 234 -13.25 33.20 4.53
N VAL A 235 -13.34 32.66 3.31
CA VAL A 235 -14.24 33.24 2.31
C VAL A 235 -15.68 33.12 2.77
N TYR A 236 -16.03 32.00 3.40
CA TYR A 236 -17.41 31.80 3.87
C TYR A 236 -17.78 32.82 4.93
N THR A 237 -16.88 33.07 5.89
CA THR A 237 -17.09 34.15 6.84
C THR A 237 -16.82 35.51 6.24
N GLY A 238 -16.22 35.58 5.05
CA GLY A 238 -15.88 36.85 4.45
C GLY A 238 -14.83 37.63 5.20
N CYS A 239 -14.05 36.98 6.07
CA CYS A 239 -13.06 37.67 6.89
C CYS A 239 -11.78 37.90 6.09
N GLU A 240 -10.87 38.67 6.70
CA GLU A 240 -9.61 38.98 6.07
C GLU A 240 -8.64 37.81 6.26
N GLN A 241 -7.99 37.40 5.17
CA GLN A 241 -7.05 36.27 5.25
C GLN A 241 -5.75 36.64 4.54
N ILE A 242 -4.63 36.34 5.20
CA ILE A 242 -3.30 36.61 4.68
C ILE A 242 -2.65 35.29 4.33
N ARG A 243 -2.14 35.18 3.11
CA ARG A 243 -1.48 33.98 2.61
C ARG A 243 0.02 34.24 2.50
N ALA A 244 0.80 33.32 3.04
CA ALA A 244 2.25 33.31 2.90
C ALA A 244 2.69 32.03 2.20
N ARG A 245 3.87 32.08 1.60
CA ARG A 245 4.42 30.90 0.95
C ARG A 245 5.01 29.95 1.99
N THR A 246 4.72 28.66 1.81
CA THR A 246 5.24 27.66 2.73
C THR A 246 6.77 27.69 2.79
N ASP A 247 7.41 27.83 1.63
CA ASP A 247 8.86 27.87 1.59
C ASP A 247 9.42 28.95 2.50
N ASP A 248 8.76 30.12 2.54
CA ASP A 248 9.28 31.22 3.34
C ASP A 248 9.24 30.91 4.82
N PHE A 249 8.29 30.10 5.28
CA PHE A 249 8.25 29.76 6.70
C PHE A 249 9.36 28.78 7.06
N ILE A 250 9.45 27.66 6.34
CA ILE A 250 10.44 26.65 6.72
C ILE A 250 11.86 27.21 6.55
N ALA A 251 12.04 28.18 5.66
CA ALA A 251 13.34 28.84 5.54
C ALA A 251 13.64 29.68 6.77
N GLN A 252 12.67 30.44 7.27
CA GLN A 252 12.85 31.29 8.44
C GLN A 252 11.59 31.19 9.30
N PRO A 253 11.50 30.16 10.14
CA PRO A 253 10.27 29.96 10.92
C PRO A 253 9.83 31.18 11.71
N LEU A 254 10.75 32.02 12.18
CA LEU A 254 10.36 33.19 12.95
C LEU A 254 9.53 34.17 12.13
N ARG A 255 9.51 34.03 10.80
CA ARG A 255 8.60 34.83 9.99
C ARG A 255 7.15 34.65 10.43
N TRP A 256 6.78 33.46 10.90
CA TRP A 256 5.45 33.26 11.46
C TRP A 256 5.14 34.34 12.48
N LEU A 257 6.08 34.56 13.41
CA LEU A 257 5.87 35.61 14.40
C LEU A 257 5.72 36.98 13.74
N ASP A 258 6.66 37.33 12.86
CA ASP A 258 6.58 38.61 12.16
C ASP A 258 5.23 38.80 11.51
N TRP A 259 4.73 37.74 10.87
CA TRP A 259 3.50 37.83 10.10
C TRP A 259 2.30 38.03 11.04
N MET A 260 2.20 37.21 12.09
CA MET A 260 1.13 37.39 13.05
C MET A 260 1.12 38.81 13.59
N ASP A 261 2.31 39.39 13.80
CA ASP A 261 2.41 40.73 14.37
C ASP A 261 2.08 41.79 13.33
N ARG A 262 2.65 41.66 12.13
CA ARG A 262 2.52 42.68 11.10
C ARG A 262 1.09 42.84 10.62
N TYR A 263 0.30 41.76 10.63
CA TYR A 263 -1.08 41.82 10.20
C TYR A 263 -2.07 41.67 11.34
N ARG A 264 -1.59 41.64 12.58
CA ARG A 264 -2.47 41.50 13.75
C ARG A 264 -3.41 40.32 13.58
N ALA A 265 -2.85 39.18 13.18
CA ALA A 265 -3.65 37.99 12.91
C ALA A 265 -4.37 37.54 14.17
N THR A 266 -5.63 37.14 14.00
CA THR A 266 -6.41 36.58 15.11
C THR A 266 -6.44 35.05 15.08
N LYS A 267 -6.14 34.43 13.95
CA LYS A 267 -6.14 32.98 13.88
C LYS A 267 -5.11 32.51 12.86
N THR A 268 -4.60 31.31 13.09
CA THR A 268 -3.60 30.69 12.22
C THR A 268 -3.56 29.20 12.59
N TRP A 269 -2.77 28.44 11.84
CA TRP A 269 -2.63 27.02 12.14
C TRP A 269 -1.34 26.48 11.56
N ALA A 270 -0.97 25.30 12.04
CA ALA A 270 0.18 24.56 11.53
C ALA A 270 0.17 23.17 12.18
N PRO A 271 0.81 22.19 11.56
CA PRO A 271 1.07 20.92 12.26
C PRO A 271 2.03 21.13 13.41
N ASN A 272 2.12 20.10 14.26
CA ASN A 272 2.90 20.24 15.49
C ASN A 272 4.36 20.59 15.23
N PHE A 273 4.89 20.18 14.07
CA PHE A 273 6.31 20.41 13.80
C PHE A 273 6.63 21.90 13.74
N ALA A 274 5.72 22.70 13.22
CA ALA A 274 5.97 24.14 13.13
C ALA A 274 6.11 24.75 14.51
N PHE A 275 5.27 24.31 15.46
CA PHE A 275 5.40 24.78 16.82
C PHE A 275 6.76 24.38 17.40
N ALA A 276 7.20 23.16 17.12
CA ALA A 276 8.51 22.72 17.60
C ALA A 276 9.63 23.50 16.93
N MET A 277 9.47 23.83 15.64
CA MET A 277 10.48 24.61 14.95
C MET A 277 10.65 25.98 15.61
N ILE A 278 9.54 26.63 15.96
CA ILE A 278 9.61 27.93 16.63
C ILE A 278 10.32 27.77 17.98
N ASN A 279 10.00 26.70 18.71
CA ASN A 279 10.64 26.48 20.01
C ASN A 279 12.15 26.35 19.87
N ASP A 280 12.64 25.91 18.71
CA ASP A 280 14.08 25.80 18.52
C ASP A 280 14.77 27.16 18.47
N TYR A 281 14.01 28.25 18.43
CA TYR A 281 14.56 29.60 18.30
C TYR A 281 14.37 30.41 19.58
N GLU A 282 14.43 29.76 20.75
CA GLU A 282 14.18 30.50 21.98
C GLU A 282 15.21 31.60 22.20
N LYS A 283 16.46 31.35 21.81
CA LYS A 283 17.50 32.35 21.99
C LYS A 283 17.14 33.64 21.27
N GLU A 284 16.83 33.56 19.98
CA GLU A 284 16.50 34.75 19.20
C GLU A 284 15.10 35.26 19.48
N ILE A 285 14.22 34.43 20.05
CA ILE A 285 12.92 34.92 20.47
C ILE A 285 13.05 35.76 21.73
N SER A 286 13.94 35.37 22.63
CA SER A 286 14.16 36.14 23.85
C SER A 286 14.91 37.44 23.58
N SER A 287 15.37 37.65 22.34
CA SER A 287 16.00 38.91 21.95
C SER A 287 15.24 39.58 20.81
N GLY A 288 14.00 39.17 20.57
CA GLY A 288 13.14 39.79 19.59
C GLY A 288 11.97 40.52 20.24
N SER A 289 11.17 41.13 19.37
CA SER A 289 9.99 41.87 19.82
C SER A 289 8.84 41.61 18.86
N TRP A 290 7.74 41.07 19.38
CA TRP A 290 6.51 40.92 18.61
C TRP A 290 5.33 41.28 19.49
N ASP A 291 4.28 41.78 18.86
CA ASP A 291 2.98 41.96 19.50
C ASP A 291 2.04 40.88 18.98
N LEU A 292 1.77 39.89 19.81
CA LEU A 292 0.89 38.78 19.45
C LEU A 292 -0.39 38.79 20.28
N SER A 293 -0.82 39.98 20.70
CA SER A 293 -1.99 40.12 21.55
C SER A 293 -3.30 39.92 20.80
N ALA A 294 -3.29 40.06 19.47
CA ALA A 294 -4.49 39.85 18.68
C ALA A 294 -4.78 38.37 18.41
N MET A 295 -3.77 37.50 18.50
CA MET A 295 -3.95 36.10 18.19
C MET A 295 -4.87 35.43 19.22
N THR A 296 -5.96 34.83 18.74
CA THR A 296 -6.89 34.11 19.59
C THR A 296 -7.00 32.63 19.28
N CYS A 297 -6.57 32.19 18.10
CA CYS A 297 -6.81 30.82 17.64
C CYS A 297 -5.59 30.32 16.88
N MET A 298 -4.80 29.46 17.51
CA MET A 298 -3.67 28.80 16.86
C MET A 298 -4.01 27.31 16.79
N ILE A 299 -4.60 26.90 15.67
CA ILE A 299 -4.98 25.50 15.51
C ILE A 299 -3.73 24.66 15.29
N ASN A 300 -3.63 23.57 16.02
CA ASN A 300 -2.51 22.63 15.93
C ASN A 300 -3.07 21.28 15.51
N GLY A 301 -2.82 20.89 14.26
CA GLY A 301 -3.35 19.64 13.77
C GLY A 301 -2.66 19.18 12.50
N ALA A 302 -2.93 17.92 12.14
CA ALA A 302 -2.40 17.21 10.97
C ALA A 302 -1.46 16.09 11.41
N GLU A 303 -0.97 16.16 12.64
CA GLU A 303 -0.11 15.11 13.18
C GLU A 303 -0.21 15.15 14.70
N ALA A 304 0.56 14.28 15.35
CA ALA A 304 0.49 14.16 16.80
C ALA A 304 0.78 15.50 17.46
N VAL A 305 -0.12 15.93 18.34
CA VAL A 305 0.03 17.14 19.11
C VAL A 305 0.75 16.77 20.40
N VAL A 306 1.97 17.26 20.57
CA VAL A 306 2.82 16.89 21.71
C VAL A 306 2.55 17.88 22.83
N PRO A 307 2.17 17.42 24.03
CA PRO A 307 1.92 18.37 25.13
C PRO A 307 3.08 19.30 25.42
N LYS A 308 4.30 18.77 25.54
CA LYS A 308 5.43 19.61 25.90
C LYS A 308 5.81 20.58 24.78
N THR A 309 5.41 20.30 23.54
CA THR A 309 5.69 21.24 22.46
C THR A 309 4.80 22.47 22.57
N ILE A 310 3.49 22.27 22.79
CA ILE A 310 2.57 23.40 22.85
C ILE A 310 2.78 24.20 24.12
N HIS A 311 3.08 23.52 25.24
CA HIS A 311 3.30 24.25 26.48
C HIS A 311 4.54 25.13 26.39
N ARG A 312 5.63 24.59 25.85
CA ARG A 312 6.84 25.40 25.66
C ARG A 312 6.57 26.54 24.68
N PHE A 313 5.78 26.27 23.64
CA PHE A 313 5.43 27.30 22.67
C PHE A 313 4.69 28.45 23.35
N LEU A 314 3.73 28.12 24.21
CA LEU A 314 2.98 29.17 24.91
C LEU A 314 3.86 29.90 25.91
N HIS A 315 4.77 29.18 26.56
CA HIS A 315 5.67 29.80 27.54
C HIS A 315 6.64 30.75 26.85
N LEU A 316 7.26 30.30 25.75
CA LEU A 316 8.24 31.14 25.06
C LEU A 316 7.61 32.43 24.55
N LEU A 317 6.37 32.36 24.07
CA LEU A 317 5.73 33.50 23.42
C LEU A 317 4.85 34.31 24.36
N ALA A 318 4.68 33.88 25.61
CA ALA A 318 3.92 34.67 26.57
C ALA A 318 4.43 36.10 26.71
N PRO A 319 5.74 36.35 26.90
CA PRO A 319 6.20 37.74 26.99
C PRO A 319 5.86 38.58 25.76
N HIS A 320 5.67 37.97 24.60
CA HIS A 320 5.32 38.72 23.39
C HIS A 320 3.81 38.91 23.23
N GLY A 321 3.03 38.64 24.27
CA GLY A 321 1.60 38.90 24.23
C GLY A 321 0.72 37.78 23.73
N LEU A 322 1.25 36.56 23.61
CA LEU A 322 0.41 35.43 23.20
C LEU A 322 -0.33 34.89 24.41
N LYS A 323 -1.66 35.00 24.38
CA LYS A 323 -2.46 34.43 25.46
C LYS A 323 -2.26 32.92 25.52
N GLY A 324 -2.33 32.39 26.73
CA GLY A 324 -2.01 31.00 26.98
C GLY A 324 -3.08 29.99 26.61
N ASP A 325 -4.17 30.44 25.97
CA ASP A 325 -5.28 29.56 25.63
C ASP A 325 -5.59 29.59 24.13
N VAL A 326 -4.66 30.09 23.32
CA VAL A 326 -4.93 30.22 21.89
C VAL A 326 -4.72 28.92 21.12
N ILE A 327 -3.95 27.97 21.67
CA ILE A 327 -3.62 26.76 20.93
C ILE A 327 -4.79 25.80 20.99
N ARG A 328 -5.32 25.44 19.83
CA ARG A 328 -6.47 24.54 19.73
C ARG A 328 -6.07 23.27 18.97
N PRO A 329 -5.75 22.18 19.66
CA PRO A 329 -5.53 20.92 18.97
C PRO A 329 -6.72 20.54 18.11
N ALA A 330 -6.45 19.93 16.96
CA ALA A 330 -7.51 19.53 16.05
C ALA A 330 -7.06 18.31 15.26
N PHE A 331 -8.04 17.54 14.79
CA PHE A 331 -7.79 16.38 13.96
C PHE A 331 -8.77 16.36 12.79
N GLY A 332 -8.29 15.86 11.66
CA GLY A 332 -9.16 15.70 10.51
C GLY A 332 -8.46 14.93 9.42
N MET A 333 -9.15 14.77 8.31
CA MET A 333 -8.61 14.06 7.16
C MET A 333 -9.15 14.71 5.90
N SER A 334 -8.38 14.60 4.81
CA SER A 334 -8.88 15.08 3.53
C SER A 334 -10.21 14.43 3.18
N GLU A 335 -10.38 13.15 3.54
CA GLU A 335 -11.60 12.43 3.21
C GLU A 335 -12.82 12.96 3.93
N ILE A 336 -12.64 13.73 5.00
CA ILE A 336 -13.75 14.27 5.77
C ILE A 336 -13.68 15.80 5.79
N SER A 337 -13.04 16.37 4.76
CA SER A 337 -13.03 17.81 4.50
C SER A 337 -12.29 18.62 5.57
N SER A 338 -11.23 18.02 6.15
CA SER A 338 -10.33 18.67 7.09
C SER A 338 -10.80 18.39 8.53
N ALA A 339 -10.71 19.38 9.41
CA ALA A 339 -10.87 19.09 10.84
C ALA A 339 -12.31 18.77 11.19
N VAL A 340 -12.49 17.83 12.12
CA VAL A 340 -13.81 17.48 12.64
C VAL A 340 -13.86 17.51 14.15
N VAL A 341 -12.73 17.73 14.83
CA VAL A 341 -12.68 17.90 16.27
C VAL A 341 -11.76 19.08 16.58
N PHE A 342 -12.13 19.86 17.60
CA PHE A 342 -11.32 20.98 18.08
C PHE A 342 -11.32 20.96 19.60
N SER A 343 -10.14 21.11 20.20
CA SER A 343 -9.98 21.16 21.65
C SER A 343 -9.75 22.60 22.09
N PHE A 344 -10.56 23.06 23.05
CA PHE A 344 -10.48 24.43 23.56
C PHE A 344 -10.00 24.46 25.00
N ALA A 345 -9.19 23.49 25.39
CA ALA A 345 -8.82 23.28 26.80
C ALA A 345 -7.34 23.44 27.09
N ILE A 346 -6.51 23.67 26.07
CA ILE A 346 -5.08 23.83 26.31
C ILE A 346 -4.83 25.19 26.97
N GLU A 347 -4.05 25.18 28.05
CA GLU A 347 -3.79 26.38 28.84
C GLU A 347 -2.33 26.42 29.25
N ARG A 348 -1.67 27.56 29.02
CA ARG A 348 -0.28 27.71 29.41
C ARG A 348 -0.09 27.42 30.90
N GLY A 349 -0.96 27.99 31.72
CA GLY A 349 -0.85 27.86 33.17
C GLY A 349 -1.30 26.54 33.74
N ASP A 350 -1.79 25.61 32.92
CA ASP A 350 -2.25 24.30 33.39
C ASP A 350 -1.78 23.24 32.39
N GLU A 351 -0.62 22.65 32.65
CA GLU A 351 -0.08 21.64 31.76
C GLU A 351 -0.99 20.42 31.65
N ASN A 352 -1.85 20.19 32.65
CA ASN A 352 -2.74 19.04 32.66
C ASN A 352 -4.08 19.32 32.02
N SER A 353 -4.42 20.58 31.79
CA SER A 353 -5.69 20.91 31.14
C SER A 353 -5.66 20.47 29.68
N GLY A 354 -6.68 19.71 29.28
CA GLY A 354 -6.74 19.22 27.92
C GLY A 354 -5.67 18.22 27.56
N VAL A 355 -4.97 17.67 28.54
CA VAL A 355 -3.94 16.65 28.34
C VAL A 355 -4.24 15.50 29.30
N LEU A 356 -4.26 14.28 28.77
CA LEU A 356 -4.58 13.09 29.55
C LEU A 356 -3.35 12.21 29.70
N THR A 357 -3.10 11.75 30.91
CA THR A 357 -1.98 10.88 31.21
C THR A 357 -2.49 9.58 31.81
N PHE A 358 -1.95 8.46 31.34
CA PHE A 358 -2.41 7.15 31.78
C PHE A 358 -1.21 6.24 32.03
N GLU A 359 -1.47 5.15 32.74
CA GLU A 359 -0.45 4.13 32.94
C GLU A 359 -0.18 3.42 31.62
N GLU A 360 1.11 3.16 31.35
CA GLU A 360 1.46 2.40 30.15
C GLU A 360 0.88 0.99 30.20
N THR A 361 0.69 0.43 31.39
CA THR A 361 0.18 -0.92 31.51
C THR A 361 -1.26 -1.03 31.03
N SER A 362 -2.04 0.05 31.14
CA SER A 362 -3.47 0.02 30.87
C SER A 362 -3.82 0.39 29.43
N LEU A 363 -2.82 0.56 28.56
CA LEU A 363 -3.11 0.99 27.19
C LEU A 363 -3.98 -0.02 26.45
N THR A 364 -3.86 -1.31 26.77
CA THR A 364 -4.61 -2.35 26.10
C THR A 364 -5.95 -2.64 26.77
N GLU A 365 -6.29 -1.93 27.84
CA GLU A 365 -7.52 -2.18 28.58
C GLU A 365 -8.21 -0.83 28.83
N GLN A 366 -9.08 -0.80 29.83
CA GLN A 366 -9.62 0.46 30.30
C GLN A 366 -8.47 1.34 30.78
N LEU A 367 -8.33 2.52 30.16
CA LEU A 367 -7.22 3.40 30.50
C LEU A 367 -7.30 3.84 31.95
N ARG A 368 -6.18 3.74 32.65
CA ARG A 368 -6.13 4.08 34.08
C ARG A 368 -5.35 5.38 34.25
N PRO A 369 -5.99 6.47 34.65
CA PRO A 369 -5.27 7.74 34.78
C PRO A 369 -4.11 7.63 35.76
N ALA A 370 -3.13 8.50 35.57
CA ALA A 370 -1.97 8.56 36.44
C ALA A 370 -1.37 9.95 36.35
N GLU A 371 -0.53 10.28 37.34
CA GLU A 371 0.25 11.50 37.30
C GLU A 371 1.53 11.22 36.52
N ALA A 372 1.87 12.12 35.60
CA ALA A 372 3.00 11.88 34.70
C ALA A 372 4.27 11.58 35.50
N ARG A 373 5.02 10.60 35.01
CA ARG A 373 6.25 10.16 35.64
C ARG A 373 7.33 10.00 34.57
N GLU A 374 8.57 9.83 35.02
CA GLU A 374 9.69 9.71 34.09
C GLU A 374 9.49 8.52 33.15
N THR A 375 8.97 7.41 33.67
CA THR A 375 8.70 6.23 32.88
C THR A 375 7.40 5.60 33.33
N GLY A 376 6.80 4.81 32.44
CA GLY A 376 5.59 4.07 32.76
C GLY A 376 4.30 4.82 32.54
N THR A 377 4.36 6.09 32.12
CA THR A 377 3.16 6.87 31.84
C THR A 377 3.26 7.47 30.44
N VAL A 378 2.10 7.65 29.81
CA VAL A 378 1.99 8.30 28.51
C VAL A 378 1.01 9.46 28.64
N SER A 379 1.33 10.56 27.96
CA SER A 379 0.51 11.75 27.96
C SER A 379 0.01 12.01 26.54
N PHE A 380 -1.30 12.16 26.40
CA PHE A 380 -1.93 12.46 25.12
C PHE A 380 -2.63 13.80 25.17
N THR A 381 -2.64 14.49 24.04
CA THR A 381 -3.34 15.75 23.90
C THR A 381 -4.76 15.50 23.43
N GLU A 382 -5.74 15.91 24.22
CA GLU A 382 -7.13 15.81 23.80
C GLU A 382 -7.36 16.66 22.57
N LEU A 383 -8.14 16.14 21.63
CA LEU A 383 -8.45 16.83 20.39
C LEU A 383 -9.87 17.37 20.36
N GLY A 384 -10.66 17.13 21.41
CA GLY A 384 -11.90 17.86 21.63
C GLY A 384 -13.11 17.12 21.10
N LYS A 385 -14.25 17.79 21.24
CA LYS A 385 -15.53 17.25 20.84
C LYS A 385 -15.71 17.39 19.33
N PRO A 386 -16.53 16.53 18.72
CA PRO A 386 -16.81 16.68 17.30
C PRO A 386 -17.50 18.00 17.01
N ILE A 387 -17.26 18.53 15.83
CA ILE A 387 -17.96 19.74 15.39
C ILE A 387 -19.41 19.37 15.14
N PRO A 388 -20.33 20.34 15.10
CA PRO A 388 -21.72 20.01 14.77
C PRO A 388 -21.82 19.19 13.49
N GLY A 389 -22.71 18.20 13.52
CA GLY A 389 -22.97 17.35 12.37
C GLY A 389 -22.17 16.06 12.34
N ILE A 390 -21.09 15.98 13.11
CA ILE A 390 -20.19 14.83 13.07
C ILE A 390 -20.47 13.92 14.25
N THR A 391 -20.47 12.62 13.99
CA THR A 391 -20.49 11.61 15.04
C THR A 391 -19.19 10.82 14.94
N ILE A 392 -18.54 10.62 16.08
CA ILE A 392 -17.33 9.81 16.16
C ILE A 392 -17.65 8.60 17.04
N ARG A 393 -17.05 7.47 16.69
CA ARG A 393 -17.13 6.29 17.55
C ARG A 393 -15.80 5.56 17.50
N ILE A 394 -15.56 4.77 18.54
CA ILE A 394 -14.37 3.94 18.67
C ILE A 394 -14.82 2.48 18.73
N VAL A 395 -14.25 1.65 17.86
CA VAL A 395 -14.64 0.26 17.75
C VAL A 395 -13.40 -0.63 17.85
N ASN A 396 -13.64 -1.92 18.12
CA ASN A 396 -12.57 -2.87 18.33
C ASN A 396 -12.29 -3.66 17.05
N HIS A 397 -11.49 -4.72 17.18
CA HIS A 397 -11.07 -5.51 16.03
C HIS A 397 -12.26 -5.95 15.18
N GLN A 398 -13.37 -6.30 15.82
CA GLN A 398 -14.57 -6.77 15.12
C GLN A 398 -15.56 -5.65 14.85
N HIS A 399 -15.12 -4.39 14.90
CA HIS A 399 -15.98 -3.25 14.61
C HIS A 399 -17.17 -3.17 15.56
N GLU A 400 -17.00 -3.68 16.78
CA GLU A 400 -17.98 -3.53 17.84
C GLU A 400 -17.70 -2.27 18.64
N LEU A 401 -18.77 -1.57 19.00
CA LEU A 401 -18.65 -0.34 19.79
C LEU A 401 -17.90 -0.63 21.09
N LEU A 402 -16.97 0.24 21.43
CA LEU A 402 -16.25 0.15 22.69
C LEU A 402 -16.76 1.19 23.67
N PRO A 403 -16.41 1.06 24.95
CA PRO A 403 -16.74 2.13 25.91
C PRO A 403 -15.70 3.23 25.85
N GLU A 404 -16.01 4.33 26.52
CA GLU A 404 -15.05 5.42 26.63
C GLU A 404 -13.80 4.93 27.38
N ASP A 405 -12.69 5.63 27.16
CA ASP A 405 -11.41 5.29 27.79
C ASP A 405 -10.91 3.91 27.36
N HIS A 406 -11.21 3.53 26.12
CA HIS A 406 -10.72 2.28 25.53
C HIS A 406 -10.16 2.61 24.16
N ILE A 407 -8.87 2.31 23.96
CA ILE A 407 -8.24 2.58 22.67
C ILE A 407 -8.80 1.62 21.63
N GLY A 408 -9.31 2.18 20.53
CA GLY A 408 -9.82 1.39 19.43
C GLY A 408 -9.74 2.12 18.11
N ARG A 409 -10.46 1.64 17.11
CA ARG A 409 -10.42 2.22 15.77
C ARG A 409 -11.40 3.38 15.67
N VAL A 410 -10.90 4.54 15.27
CA VAL A 410 -11.71 5.74 15.17
C VAL A 410 -12.52 5.68 13.88
N GLN A 411 -13.82 5.95 13.98
CA GLN A 411 -14.69 6.01 12.82
C GLN A 411 -15.50 7.30 12.88
N ILE A 412 -15.85 7.80 11.70
CA ILE A 412 -16.50 9.10 11.58
C ILE A 412 -17.76 8.95 10.76
N LYS A 413 -18.86 9.52 11.26
CA LYS A 413 -20.09 9.66 10.49
C LYS A 413 -20.47 11.13 10.44
N GLY A 414 -20.88 11.59 9.26
CA GLY A 414 -21.34 12.95 9.13
C GLY A 414 -21.52 13.39 7.70
N PRO A 415 -21.87 14.67 7.52
CA PRO A 415 -22.11 15.21 6.18
C PRO A 415 -20.87 15.74 5.48
N THR A 416 -19.69 15.63 6.07
CA THR A 416 -18.47 16.18 5.51
C THR A 416 -17.67 15.15 4.73
N THR A 417 -18.16 13.92 4.63
CA THR A 417 -17.40 12.85 4.01
C THR A 417 -17.35 13.02 2.49
N MET A 418 -16.19 12.69 1.92
CA MET A 418 -16.00 12.74 0.48
C MET A 418 -17.03 11.86 -0.24
N LYS A 419 -17.19 12.13 -1.54
CA LYS A 419 -17.91 11.18 -2.38
C LYS A 419 -17.20 9.84 -2.44
N GLY A 420 -15.87 9.86 -2.32
CA GLY A 420 -15.08 8.65 -2.40
C GLY A 420 -13.81 8.87 -3.20
N TYR A 421 -12.92 7.89 -3.17
CA TYR A 421 -11.72 7.93 -4.00
C TYR A 421 -12.11 7.74 -5.46
N TYR A 422 -11.52 8.58 -6.33
CA TYR A 422 -11.90 8.57 -7.73
C TYR A 422 -11.45 7.29 -8.41
N ARG A 423 -12.38 6.64 -9.11
CA ARG A 423 -12.06 5.48 -9.94
C ARG A 423 -11.43 4.35 -9.12
N ASN A 424 -11.96 4.13 -7.91
CA ASN A 424 -11.43 3.05 -7.08
C ASN A 424 -12.54 2.56 -6.15
N ASP A 425 -13.48 1.80 -6.72
CA ASP A 425 -14.54 1.21 -5.91
C ASP A 425 -13.98 0.39 -4.76
N GLU A 426 -12.90 -0.36 -5.02
CA GLU A 426 -12.37 -1.26 -4.01
C GLU A 426 -11.89 -0.48 -2.78
N ALA A 427 -11.15 0.61 -3.01
CA ALA A 427 -10.69 1.43 -1.90
C ALA A 427 -11.86 2.08 -1.16
N ASN A 428 -12.91 2.46 -1.89
CA ASN A 428 -14.05 3.06 -1.24
C ASN A 428 -14.76 2.08 -0.32
N GLN A 429 -14.75 0.80 -0.66
CA GLN A 429 -15.35 -0.20 0.21
C GLN A 429 -14.57 -0.33 1.52
N GLU A 430 -13.25 -0.28 1.45
CA GLU A 430 -12.43 -0.44 2.65
C GLU A 430 -12.72 0.64 3.69
N VAL A 431 -13.05 1.86 3.25
CA VAL A 431 -13.17 2.99 4.18
C VAL A 431 -14.64 3.23 4.53
N PHE A 432 -15.54 3.00 3.59
CA PHE A 432 -16.98 3.21 3.81
C PHE A 432 -17.57 1.94 4.39
N GLN A 433 -17.70 1.88 5.71
CA GLN A 433 -18.29 0.74 6.38
C GLN A 433 -19.81 0.90 6.43
N ALA A 434 -20.48 -0.08 7.03
CA ALA A 434 -21.95 -0.08 7.02
C ALA A 434 -22.50 1.01 7.92
N ASP A 435 -23.62 1.60 7.49
CA ASP A 435 -24.38 2.55 8.29
C ASP A 435 -23.72 3.92 8.33
N GLY A 436 -22.95 4.24 7.29
CA GLY A 436 -22.41 5.59 7.14
C GLY A 436 -21.13 5.87 7.88
N TRP A 437 -20.40 4.84 8.31
CA TRP A 437 -19.21 5.02 9.13
C TRP A 437 -17.97 5.01 8.26
N PHE A 438 -17.23 6.12 8.26
CA PHE A 438 -15.97 6.21 7.53
C PHE A 438 -14.83 5.74 8.43
N HIS A 439 -14.03 4.81 7.92
CA HIS A 439 -12.93 4.20 8.67
C HIS A 439 -11.67 5.03 8.47
N THR A 440 -11.18 5.64 9.55
CA THR A 440 -10.07 6.58 9.43
C THR A 440 -8.72 5.89 9.32
N GLY A 441 -8.59 4.70 9.89
CA GLY A 441 -7.29 4.10 10.06
C GLY A 441 -6.54 4.57 11.27
N ASP A 442 -7.11 5.49 12.06
CA ASP A 442 -6.46 6.04 13.24
C ASP A 442 -6.95 5.32 14.49
N LEU A 443 -6.09 5.28 15.49
CA LEU A 443 -6.41 4.70 16.79
C LEU A 443 -6.57 5.81 17.81
N GLY A 444 -7.52 5.62 18.72
CA GLY A 444 -7.74 6.60 19.77
C GLY A 444 -8.85 6.15 20.68
N PHE A 445 -9.29 7.08 21.54
CA PHE A 445 -10.37 6.81 22.47
C PHE A 445 -11.22 8.05 22.61
N LEU A 446 -12.39 7.87 23.21
CA LEU A 446 -13.29 8.96 23.56
C LEU A 446 -13.34 9.08 25.07
N HIS A 447 -13.38 10.31 25.56
CA HIS A 447 -13.40 10.58 26.99
C HIS A 447 -14.22 11.85 27.19
N GLU A 448 -15.37 11.72 27.84
CA GLU A 448 -16.31 12.83 28.00
C GLU A 448 -16.73 13.39 26.64
N GLY A 449 -16.83 12.52 25.63
CA GLY A 449 -17.23 12.93 24.30
C GLY A 449 -16.13 13.58 23.49
N ARG A 450 -14.91 13.62 24.00
CA ARG A 450 -13.80 14.27 23.34
C ARG A 450 -12.83 13.22 22.81
N LEU A 451 -12.45 13.35 21.55
CA LEU A 451 -11.57 12.38 20.91
C LEU A 451 -10.12 12.61 21.28
N THR A 452 -9.37 11.53 21.46
CA THR A 452 -7.93 11.59 21.67
C THR A 452 -7.29 10.52 20.82
N LEU A 453 -6.48 10.93 19.85
CA LEU A 453 -5.78 9.98 19.00
C LEU A 453 -4.54 9.46 19.72
N THR A 454 -4.27 8.16 19.54
CA THR A 454 -3.14 7.49 20.16
C THR A 454 -2.21 6.80 19.16
N GLY A 455 -2.64 6.61 17.92
CA GLY A 455 -1.80 5.94 16.95
C GLY A 455 -2.58 5.66 15.68
N ARG A 456 -1.99 4.81 14.83
CA ARG A 456 -2.57 4.44 13.56
C ARG A 456 -2.53 2.93 13.40
N GLU A 457 -3.41 2.42 12.54
CA GLU A 457 -3.44 0.99 12.26
C GLU A 457 -2.16 0.55 11.55
N LYS A 458 -1.72 1.33 10.56
CA LYS A 458 -0.47 1.01 9.86
C LYS A 458 0.72 1.03 10.81
N ASP A 459 0.60 1.69 11.96
CA ASP A 459 1.67 1.76 12.95
C ASP A 459 1.56 0.64 13.98
N MET A 460 1.15 -0.56 13.55
CA MET A 460 1.03 -1.71 14.41
C MET A 460 2.03 -2.78 13.98
N ILE A 461 2.68 -3.41 14.95
CA ILE A 461 3.68 -4.47 14.69
C ILE A 461 3.06 -5.52 13.74
N HIS A 469 3.26 -4.30 21.39
CA HIS A 469 3.04 -2.93 21.95
C HIS A 469 4.39 -2.30 22.29
N ASN A 470 4.64 -1.11 21.74
CA ASN A 470 5.97 -0.44 21.77
C ASN A 470 6.32 0.00 23.19
N TYR A 471 5.34 0.24 24.07
CA TYR A 471 5.60 0.62 25.49
C TYR A 471 6.21 -0.57 26.24
N GLU A 472 5.76 -1.78 25.91
CA GLU A 472 6.17 -3.04 26.58
C GLU A 472 7.60 -3.41 26.13
N ILE A 473 7.87 -3.27 24.82
CA ILE A 473 9.21 -3.55 24.23
C ILE A 473 10.23 -2.62 24.87
N GLU A 474 9.91 -1.33 24.95
CA GLU A 474 10.83 -0.32 25.55
C GLU A 474 11.10 -0.63 27.02
N ALA A 475 10.06 -0.90 27.82
CA ALA A 475 10.23 -1.27 29.24
C ALA A 475 11.24 -2.43 29.35
N ILE A 476 11.06 -3.48 28.56
CA ILE A 476 11.92 -4.70 28.63
C ILE A 476 13.34 -4.32 28.21
N ALA A 477 13.48 -3.53 27.15
CA ALA A 477 14.80 -3.05 26.68
C ALA A 477 15.51 -2.29 27.82
N GLU A 478 14.76 -1.56 28.66
CA GLU A 478 15.31 -0.66 29.72
C GLU A 478 15.73 -1.46 30.95
N GLU A 479 15.37 -2.73 31.05
CA GLU A 479 15.85 -3.61 32.16
C GLU A 479 17.30 -4.01 31.92
N VAL A 480 17.81 -3.90 30.68
CA VAL A 480 19.22 -4.21 30.35
C VAL A 480 20.09 -3.14 31.01
N PRO A 481 21.11 -3.53 31.83
CA PRO A 481 21.89 -2.54 32.60
C PRO A 481 22.47 -1.40 31.75
N GLY A 482 22.92 -1.69 30.53
CA GLY A 482 23.56 -0.70 29.67
C GLY A 482 22.60 0.33 29.09
N VAL A 483 21.29 0.12 29.19
CA VAL A 483 20.29 0.99 28.49
C VAL A 483 19.82 2.09 29.43
N GLU A 484 19.98 3.34 29.03
CA GLU A 484 19.38 4.50 29.73
C GLU A 484 17.91 4.61 29.32
N THR A 485 17.65 4.92 28.05
CA THR A 485 16.28 4.98 27.47
C THR A 485 16.29 4.38 26.05
N SER A 486 15.10 4.01 25.58
CA SER A 486 14.88 3.21 24.35
C SER A 486 13.71 3.79 23.54
N PHE A 487 13.71 3.52 22.25
CA PHE A 487 12.61 3.91 21.33
C PHE A 487 12.54 2.84 20.25
N VAL A 488 11.39 2.18 20.15
CA VAL A 488 11.14 1.10 19.14
C VAL A 488 10.23 1.67 18.03
N ALA A 489 10.60 1.46 16.76
CA ALA A 489 9.70 1.61 15.59
C ALA A 489 9.66 0.27 14.89
N ALA A 490 8.47 -0.22 14.53
CA ALA A 490 8.34 -1.43 13.68
C ALA A 490 8.95 -1.08 12.32
N CYS A 491 9.22 -2.07 11.46
CA CYS A 491 9.85 -1.81 10.12
C CYS A 491 9.64 -2.98 9.14
N SER A 492 8.78 -2.82 8.13
CA SER A 492 8.54 -3.85 7.10
C SER A 492 9.85 -4.02 6.29
N ALA A 499 11.23 -10.30 3.69
CA ALA A 499 11.95 -11.43 4.32
C ALA A 499 11.77 -11.42 5.85
N SER A 500 11.35 -10.31 6.44
CA SER A 500 11.08 -10.29 7.90
C SER A 500 10.22 -9.09 8.30
N ASP A 501 9.49 -9.23 9.42
CA ASP A 501 8.74 -8.13 10.08
C ASP A 501 9.63 -7.81 11.29
N GLU A 502 10.43 -6.75 11.23
CA GLU A 502 11.44 -6.47 12.29
C GLU A 502 11.19 -5.13 12.98
N LEU A 503 11.43 -5.12 14.29
CA LEU A 503 11.38 -3.94 15.19
C LEU A 503 12.82 -3.44 15.42
N ILE A 504 13.11 -2.16 15.09
CA ILE A 504 14.42 -1.47 15.26
C ILE A 504 14.37 -0.78 16.64
N LEU A 505 15.23 -1.16 17.58
CA LEU A 505 15.28 -0.66 18.98
C LEU A 505 16.43 0.36 19.08
N PHE A 506 16.11 1.65 19.00
CA PHE A 506 17.07 2.75 19.32
C PHE A 506 17.28 2.80 20.84
N PHE A 507 18.50 3.09 21.27
CA PHE A 507 18.76 3.25 22.71
C PHE A 507 19.91 4.25 22.93
N THR A 508 19.82 4.95 24.06
CA THR A 508 20.94 5.69 24.65
C THR A 508 21.70 4.72 25.56
N PRO A 509 23.00 4.44 25.31
CA PRO A 509 23.78 3.72 26.31
C PRO A 509 24.15 4.67 27.45
N LYS A 510 24.21 4.14 28.68
CA LYS A 510 24.72 4.88 29.85
C LYS A 510 26.15 5.35 29.57
N LEU A 511 26.84 4.70 28.65
CA LEU A 511 28.25 5.00 28.29
C LEU A 511 28.44 4.75 26.81
N TYR A 512 28.81 5.78 26.05
CA TYR A 512 29.09 5.62 24.61
C TYR A 512 30.57 5.22 24.46
N GLU A 513 30.88 3.99 24.87
CA GLU A 513 32.16 3.29 24.66
C GLU A 513 31.86 2.04 23.84
N PRO A 514 32.69 1.71 22.80
CA PRO A 514 32.32 0.65 21.86
C PRO A 514 31.99 -0.73 22.49
N ALA A 515 32.80 -1.20 23.43
CA ALA A 515 32.53 -2.49 24.11
C ALA A 515 31.21 -2.40 24.88
N TYR A 516 31.02 -1.30 25.62
CA TYR A 516 29.80 -1.08 26.43
C TYR A 516 28.58 -1.14 25.53
N ILE A 517 28.67 -0.54 24.35
CA ILE A 517 27.53 -0.47 23.40
C ILE A 517 27.24 -1.88 22.86
N MET A 518 28.28 -2.62 22.50
CA MET A 518 28.10 -3.98 21.94
C MET A 518 27.52 -4.90 23.02
N ARG A 519 27.91 -4.74 24.28
CA ARG A 519 27.32 -5.55 25.37
C ARG A 519 25.82 -5.25 25.49
N ALA A 520 25.45 -3.98 25.60
CA ALA A 520 24.02 -3.59 25.77
C ALA A 520 23.22 -4.11 24.57
N SER A 521 23.75 -3.97 23.35
CA SER A 521 23.05 -4.38 22.10
C SER A 521 22.73 -5.87 22.12
N GLN A 522 23.71 -6.69 22.53
CA GLN A 522 23.53 -8.16 22.66
C GLN A 522 22.45 -8.43 23.70
N HIS A 523 22.52 -7.79 24.87
CA HIS A 523 21.54 -8.01 25.97
C HIS A 523 20.14 -7.55 25.55
N ILE A 524 20.03 -6.44 24.81
CA ILE A 524 18.72 -5.94 24.31
C ILE A 524 18.09 -7.03 23.43
N LYS A 525 18.87 -7.52 22.47
CA LYS A 525 18.38 -8.52 21.50
C LYS A 525 17.91 -9.76 22.29
N SER A 526 18.74 -10.25 23.22
CA SER A 526 18.50 -11.55 23.89
C SER A 526 17.44 -11.40 24.99
N HIS A 527 17.43 -10.29 25.72
CA HIS A 527 16.44 -10.05 26.80
C HIS A 527 15.04 -9.84 26.21
N ILE A 528 14.93 -9.18 25.06
CA ILE A 528 13.62 -8.99 24.39
C ILE A 528 13.17 -10.34 23.81
N ALA A 529 14.10 -11.11 23.21
CA ALA A 529 13.79 -12.44 22.65
C ALA A 529 13.24 -13.36 23.74
N THR A 530 13.86 -13.37 24.92
CA THR A 530 13.40 -14.25 26.03
C THR A 530 12.02 -13.77 26.49
N LYS A 531 11.96 -12.56 27.04
CA LYS A 531 10.78 -12.07 27.82
C LYS A 531 9.53 -12.07 26.95
N MET A 532 9.64 -11.85 25.64
CA MET A 532 8.45 -11.69 24.76
C MET A 532 8.30 -12.88 23.78
N GLY A 533 9.25 -13.83 23.76
CA GLY A 533 9.17 -15.02 22.88
C GLY A 533 9.29 -14.66 21.40
N LEU A 534 10.06 -13.62 21.06
CA LEU A 534 10.44 -13.29 19.66
C LEU A 534 11.76 -13.99 19.34
N SER A 535 12.11 -14.09 18.06
CA SER A 535 13.45 -14.50 17.60
C SER A 535 14.43 -13.35 17.84
N ALA A 536 15.59 -13.62 18.44
CA ALA A 536 16.69 -12.64 18.57
C ALA A 536 16.95 -11.95 17.23
N SER A 537 16.71 -12.64 16.11
CA SER A 537 16.91 -12.09 14.74
C SER A 537 15.90 -10.96 14.46
N ARG A 538 14.78 -10.90 15.19
CA ARG A 538 13.69 -9.91 14.99
C ARG A 538 14.00 -8.56 15.64
N ILE A 539 15.03 -8.49 16.49
CA ILE A 539 15.39 -7.24 17.23
C ILE A 539 16.74 -6.71 16.71
N ILE A 540 16.81 -5.44 16.30
CA ILE A 540 18.08 -4.79 15.82
C ILE A 540 18.40 -3.66 16.81
N PRO A 541 19.55 -3.67 17.52
CA PRO A 541 19.89 -2.60 18.44
C PRO A 541 20.70 -1.49 17.78
N VAL A 542 20.21 -0.25 17.81
CA VAL A 542 20.91 0.94 17.23
C VAL A 542 21.21 1.95 18.35
N GLN A 543 22.49 2.24 18.55
CA GLN A 543 22.98 3.23 19.53
C GLN A 543 22.73 4.66 19.00
N LYS A 544 22.39 5.59 19.89
CA LYS A 544 22.18 7.02 19.52
C LYS A 544 22.91 7.96 20.50
N LYS A 554 26.34 14.23 24.05
CA LYS A 554 25.72 15.55 24.04
C LYS A 554 24.30 15.48 24.57
N ILE A 555 23.61 16.62 24.60
CA ILE A 555 22.23 16.70 25.07
C ILE A 555 21.44 17.56 24.09
N GLU A 556 20.26 17.07 23.72
CA GLU A 556 19.32 17.79 22.86
C GLU A 556 18.07 18.13 23.67
N ARG A 557 17.55 19.35 23.47
CA ARG A 557 16.40 19.82 24.20
C ARG A 557 15.07 19.42 23.55
N ALA A 558 15.04 19.30 22.23
CA ALA A 558 13.82 18.91 21.54
C ALA A 558 13.62 17.40 21.63
N GLN A 559 12.38 17.01 21.92
CA GLN A 559 12.06 15.59 22.04
C GLN A 559 12.34 14.86 20.72
N LEU A 560 12.49 13.55 20.81
CA LEU A 560 12.83 12.75 19.64
C LEU A 560 11.66 12.67 18.67
N LYS A 561 10.46 12.38 19.18
CA LYS A 561 9.27 12.38 18.33
C LYS A 561 9.07 13.73 17.66
N THR A 562 9.46 14.81 18.34
CA THR A 562 9.30 16.16 17.78
C THR A 562 10.34 16.47 16.72
N ARG A 563 11.56 15.97 16.87
CA ARG A 563 12.59 16.24 15.86
C ARG A 563 12.28 15.53 14.55
N TRP A 564 11.74 14.31 14.62
CA TRP A 564 11.40 13.60 13.39
C TRP A 564 10.22 14.25 12.68
N GLN A 565 9.28 14.83 13.42
CA GLN A 565 8.23 15.63 12.79
C GLN A 565 8.82 16.77 11.97
N GLU A 566 9.90 17.39 12.49
CA GLU A 566 10.52 18.50 11.78
C GLU A 566 11.26 18.02 10.53
N GLY A 567 11.88 16.85 10.61
CA GLY A 567 12.64 16.33 9.47
C GLY A 567 11.75 15.95 8.31
N ALA A 568 10.63 15.28 8.60
CA ALA A 568 9.72 14.88 7.53
C ALA A 568 9.00 16.08 6.94
N ALA A 569 8.68 17.08 7.76
CA ALA A 569 7.95 18.24 7.28
C ALA A 569 8.79 19.07 6.31
N ALA A 570 10.00 19.46 6.72
CA ALA A 570 10.85 20.29 5.86
C ALA A 570 11.43 19.49 4.70
N GLU A 571 11.39 18.17 4.74
CA GLU A 571 11.87 17.34 3.65
C GLU A 571 10.92 17.41 2.46
N PRO B 1 18.09 -6.55 -27.95
CA PRO B 1 17.69 -5.84 -26.73
C PRO B 1 17.14 -6.78 -25.67
N ALA B 2 16.80 -6.24 -24.50
CA ALA B 2 16.15 -7.01 -23.44
C ALA B 2 14.66 -7.15 -23.73
N LEU B 3 14.37 -7.84 -24.82
CA LEU B 3 12.99 -8.15 -25.22
C LEU B 3 12.99 -9.52 -25.86
N SER B 4 12.15 -10.43 -25.33
CA SER B 4 12.11 -11.81 -25.80
C SER B 4 10.67 -12.20 -26.10
N TYR B 5 10.42 -12.61 -27.33
CA TYR B 5 9.15 -13.16 -27.76
C TYR B 5 9.25 -14.68 -27.77
N GLY B 6 8.23 -15.34 -27.23
CA GLY B 6 8.24 -16.79 -27.14
C GLY B 6 7.86 -17.51 -28.39
N GLY B 7 7.58 -16.79 -29.47
CA GLY B 7 7.10 -17.38 -30.71
C GLY B 7 5.59 -17.29 -30.81
N ASP B 8 5.09 -17.64 -31.99
CA ASP B 8 3.67 -17.55 -32.25
C ASP B 8 2.92 -18.71 -31.61
N LEU B 9 1.76 -18.40 -31.04
CA LEU B 9 0.90 -19.37 -30.37
C LEU B 9 -0.43 -19.41 -31.10
N ASP B 10 -0.73 -20.55 -31.72
CA ASP B 10 -1.97 -20.72 -32.47
C ASP B 10 -3.09 -21.02 -31.48
N VAL B 11 -3.81 -19.98 -31.07
CA VAL B 11 -4.88 -20.16 -30.09
C VAL B 11 -6.14 -20.71 -30.74
N THR B 12 -6.37 -20.42 -32.02
CA THR B 12 -7.52 -20.98 -32.71
C THR B 12 -7.48 -22.51 -32.72
N GLN B 13 -6.31 -23.10 -32.54
CA GLN B 13 -6.21 -24.55 -32.44
C GLN B 13 -6.71 -25.02 -31.08
N GLY B 14 -7.54 -26.05 -31.09
CA GLY B 14 -8.00 -26.66 -29.86
C GLY B 14 -9.20 -25.96 -29.25
N ALA B 15 -9.53 -26.40 -28.04
CA ALA B 15 -10.69 -25.89 -27.33
C ALA B 15 -10.59 -24.38 -27.11
N GLN B 16 -11.72 -23.70 -27.22
CA GLN B 16 -11.78 -22.25 -27.06
C GLN B 16 -12.44 -21.82 -25.75
N THR B 17 -13.19 -22.71 -25.10
CA THR B 17 -13.78 -22.45 -23.79
C THR B 17 -13.52 -23.67 -22.91
N LEU B 18 -13.65 -23.47 -21.60
CA LEU B 18 -13.41 -24.58 -20.69
C LEU B 18 -14.48 -25.66 -20.81
N GLN B 19 -15.68 -25.31 -21.28
CA GLN B 19 -16.68 -26.34 -21.55
C GLN B 19 -16.17 -27.33 -22.58
N ASP B 20 -15.57 -26.81 -23.66
CA ASP B 20 -15.00 -27.69 -24.67
C ASP B 20 -13.87 -28.54 -24.08
N VAL B 21 -13.10 -27.96 -23.16
CA VAL B 21 -11.98 -28.69 -22.57
C VAL B 21 -12.48 -29.91 -21.80
N LEU B 22 -13.53 -29.73 -20.99
CA LEU B 22 -14.05 -30.85 -20.22
C LEU B 22 -14.69 -31.90 -21.13
N THR B 23 -15.41 -31.45 -22.16
CA THR B 23 -16.06 -32.41 -23.06
C THR B 23 -15.02 -33.31 -23.72
N GLU B 24 -13.91 -32.74 -24.18
CA GLU B 24 -12.87 -33.55 -24.79
C GLU B 24 -12.22 -34.48 -23.76
N ALA B 25 -11.89 -33.94 -22.58
CA ALA B 25 -11.30 -34.77 -21.54
C ALA B 25 -12.22 -35.93 -21.17
N ALA B 26 -13.53 -35.69 -21.17
CA ALA B 26 -14.48 -36.74 -20.81
C ALA B 26 -14.52 -37.86 -21.84
N LYS B 27 -14.01 -37.63 -23.05
CA LYS B 27 -13.94 -38.68 -24.05
C LYS B 27 -12.83 -39.69 -23.74
N THR B 28 -11.82 -39.30 -22.98
CA THR B 28 -10.81 -40.22 -22.52
C THR B 28 -11.34 -41.00 -21.31
N THR B 29 -10.56 -42.01 -20.89
CA THR B 29 -10.82 -42.73 -19.66
C THR B 29 -9.95 -42.24 -18.51
N ASN B 30 -9.15 -41.21 -18.73
CA ASN B 30 -8.36 -40.60 -17.67
C ASN B 30 -9.23 -39.71 -16.80
N GLY B 31 -8.67 -39.28 -15.68
CA GLY B 31 -9.37 -38.37 -14.79
C GLY B 31 -8.54 -38.01 -13.57
N LEU B 32 -9.20 -37.73 -12.47
CA LEU B 32 -8.54 -37.30 -11.26
C LEU B 32 -8.51 -38.42 -10.23
N THR B 33 -7.46 -38.42 -9.41
CA THR B 33 -7.37 -39.30 -8.26
C THR B 33 -7.07 -38.44 -7.04
N TYR B 34 -7.94 -38.49 -6.05
CA TYR B 34 -7.80 -37.72 -4.82
C TYR B 34 -7.21 -38.63 -3.73
N ILE B 35 -6.07 -38.23 -3.18
CA ILE B 35 -5.37 -39.02 -2.18
C ILE B 35 -6.02 -38.78 -0.83
N VAL B 36 -6.49 -39.86 -0.21
CA VAL B 36 -7.04 -39.79 1.15
C VAL B 36 -5.97 -40.06 2.19
N ASN B 37 -5.24 -41.16 2.03
CA ASN B 37 -4.13 -41.50 2.91
C ASN B 37 -3.25 -42.50 2.16
N SER B 38 -2.31 -43.12 2.88
CA SER B 38 -1.38 -44.05 2.25
C SER B 38 -2.10 -45.22 1.61
N LYS B 39 -3.22 -45.66 2.19
CA LYS B 39 -3.88 -46.89 1.78
C LYS B 39 -5.24 -46.67 1.15
N ASN B 40 -5.62 -45.41 0.86
CA ASN B 40 -6.93 -45.13 0.31
C ASN B 40 -6.86 -43.97 -0.69
N GLU B 41 -7.82 -43.95 -1.60
CA GLU B 41 -7.92 -42.90 -2.62
C GLU B 41 -9.32 -42.92 -3.19
N LEU B 42 -9.73 -41.78 -3.74
CA LEU B 42 -11.00 -41.64 -4.45
C LEU B 42 -10.69 -41.26 -5.90
N THR B 43 -11.34 -41.92 -6.84
CA THR B 43 -11.12 -41.68 -8.26
C THR B 43 -12.34 -41.01 -8.87
N GLN B 44 -12.09 -40.14 -9.85
CA GLN B 44 -13.14 -39.38 -10.52
C GLN B 44 -12.69 -39.16 -11.97
N SER B 45 -13.13 -40.05 -12.85
CA SER B 45 -12.81 -39.89 -14.27
C SER B 45 -13.33 -38.56 -14.76
N TYR B 46 -12.76 -38.09 -15.86
CA TYR B 46 -13.23 -36.84 -16.46
C TYR B 46 -14.68 -36.94 -16.88
N ALA B 47 -15.13 -38.13 -17.31
CA ALA B 47 -16.54 -38.34 -17.62
C ALA B 47 -17.39 -38.22 -16.36
N GLN B 48 -16.93 -38.83 -15.26
CA GLN B 48 -17.63 -38.69 -13.98
C GLN B 48 -17.58 -37.25 -13.49
N LEU B 49 -16.47 -36.55 -13.73
CA LEU B 49 -16.40 -35.14 -13.35
C LEU B 49 -17.49 -34.35 -14.05
N GLN B 50 -17.66 -34.56 -15.36
CA GLN B 50 -18.71 -33.85 -16.08
C GLN B 50 -20.08 -34.15 -15.48
N GLY B 51 -20.35 -35.42 -15.16
CA GLY B 51 -21.63 -35.76 -14.56
C GLY B 51 -21.81 -35.15 -13.18
N ASP B 52 -20.77 -35.24 -12.34
CA ASP B 52 -20.85 -34.65 -11.02
C ASP B 52 -21.05 -33.13 -11.11
N ALA B 53 -20.41 -32.49 -12.10
CA ALA B 53 -20.59 -31.06 -12.28
C ALA B 53 -21.99 -30.73 -12.76
N GLU B 54 -22.60 -31.64 -13.52
CA GLU B 54 -23.98 -31.42 -13.96
C GLU B 54 -24.94 -31.53 -12.79
N ARG B 55 -24.67 -32.43 -11.85
CA ARG B 55 -25.52 -32.55 -10.67
C ARG B 55 -25.40 -31.30 -9.81
N VAL B 56 -24.16 -30.92 -9.45
CA VAL B 56 -23.96 -29.69 -8.71
C VAL B 56 -24.64 -28.52 -9.42
N LEU B 57 -24.54 -28.49 -10.75
CA LEU B 57 -25.20 -27.43 -11.51
C LEU B 57 -26.69 -27.36 -11.19
N THR B 58 -27.33 -28.51 -11.00
CA THR B 58 -28.74 -28.52 -10.62
C THR B 58 -28.94 -27.84 -9.27
N GLY B 59 -28.03 -28.06 -8.33
CA GLY B 59 -28.15 -27.40 -7.04
C GLY B 59 -27.90 -25.91 -7.12
N LEU B 60 -26.87 -25.51 -7.87
CA LEU B 60 -26.57 -24.09 -8.01
C LEU B 60 -27.72 -23.35 -8.68
N ARG B 61 -28.23 -23.89 -9.79
CA ARG B 61 -29.38 -23.28 -10.45
C ARG B 61 -30.61 -23.31 -9.57
N ALA B 62 -30.73 -24.32 -8.70
CA ALA B 62 -31.83 -24.33 -7.74
C ALA B 62 -31.72 -23.18 -6.76
N LEU B 63 -30.50 -22.71 -6.49
CA LEU B 63 -30.28 -21.57 -5.61
C LEU B 63 -30.42 -20.23 -6.33
N GLY B 64 -30.79 -20.24 -7.60
CA GLY B 64 -31.04 -19.02 -8.34
C GLY B 64 -29.84 -18.45 -9.07
N LEU B 65 -28.69 -19.11 -9.04
CA LEU B 65 -27.52 -18.60 -9.73
C LEU B 65 -27.76 -18.55 -11.22
N LYS B 66 -27.37 -17.43 -11.84
CA LYS B 66 -27.52 -17.21 -13.26
C LYS B 66 -26.15 -17.02 -13.89
N ALA B 67 -26.11 -17.13 -15.21
CA ALA B 67 -24.85 -16.99 -15.94
C ALA B 67 -24.25 -15.62 -15.65
N GLY B 68 -23.01 -15.60 -15.17
CA GLY B 68 -22.33 -14.37 -14.85
C GLY B 68 -22.25 -14.07 -13.37
N ASP B 69 -23.07 -14.74 -12.56
CA ASP B 69 -23.01 -14.51 -11.12
C ASP B 69 -21.72 -15.11 -10.54
N PRO B 70 -21.06 -14.42 -9.63
CA PRO B 70 -19.91 -15.00 -8.96
C PRO B 70 -20.34 -16.03 -7.90
N VAL B 71 -19.38 -16.87 -7.53
CA VAL B 71 -19.57 -17.88 -6.50
C VAL B 71 -18.31 -17.94 -5.65
N PHE B 72 -18.46 -17.75 -4.34
CA PHE B 72 -17.34 -17.69 -3.41
C PHE B 72 -16.99 -19.11 -2.95
N PHE B 73 -15.75 -19.52 -3.19
CA PHE B 73 -15.30 -20.87 -2.87
C PHE B 73 -14.58 -20.91 -1.53
N GLN B 74 -15.00 -21.83 -0.67
CA GLN B 74 -14.34 -22.07 0.63
C GLN B 74 -14.32 -23.59 0.81
N PHE B 75 -13.20 -24.23 0.50
CA PHE B 75 -13.14 -25.68 0.41
C PHE B 75 -11.94 -26.24 1.15
N SER B 76 -12.19 -27.30 1.92
CA SER B 76 -11.12 -28.15 2.44
C SER B 76 -10.85 -29.36 1.56
N SER B 77 -11.81 -29.71 0.67
CA SER B 77 -11.74 -30.93 -0.12
C SER B 77 -11.52 -30.61 -1.59
N ASN B 78 -10.50 -31.22 -2.19
CA ASN B 78 -10.21 -30.96 -3.60
C ASN B 78 -11.30 -31.53 -4.50
N HIS B 79 -11.84 -32.70 -4.16
CA HIS B 79 -12.89 -33.31 -4.97
C HIS B 79 -14.11 -32.40 -5.06
N ALA B 80 -14.57 -31.88 -3.93
CA ALA B 80 -15.69 -30.95 -3.95
C ALA B 80 -15.35 -29.67 -4.71
N MET B 81 -14.14 -29.14 -4.51
CA MET B 81 -13.76 -27.89 -5.15
C MET B 81 -13.66 -28.04 -6.66
N VAL B 82 -12.99 -29.10 -7.12
CA VAL B 82 -12.89 -29.36 -8.56
C VAL B 82 -14.28 -29.52 -9.17
N THR B 83 -15.15 -30.27 -8.49
CA THR B 83 -16.50 -30.45 -9.03
C THR B 83 -17.27 -29.14 -9.04
N ALA B 84 -17.12 -28.34 -8.00
CA ALA B 84 -17.77 -27.02 -7.97
C ALA B 84 -17.25 -26.14 -9.11
N PHE B 85 -15.93 -26.14 -9.33
CA PHE B 85 -15.36 -25.28 -10.37
C PHE B 85 -16.00 -25.57 -11.72
N TRP B 86 -16.14 -26.86 -12.06
CA TRP B 86 -16.69 -27.24 -13.36
C TRP B 86 -18.21 -27.10 -13.39
N ALA B 87 -18.90 -27.33 -12.27
CA ALA B 87 -20.31 -27.00 -12.21
C ALA B 87 -20.53 -25.53 -12.57
N CYS B 88 -19.66 -24.65 -12.09
CA CYS B 88 -19.79 -23.24 -12.42
C CYS B 88 -19.44 -22.97 -13.89
N VAL B 89 -18.47 -23.70 -14.43
CA VAL B 89 -18.16 -23.57 -15.85
C VAL B 89 -19.38 -23.95 -16.68
N LEU B 90 -20.03 -25.08 -16.34
CA LEU B 90 -21.21 -25.49 -17.09
C LEU B 90 -22.29 -24.43 -17.01
N GLY B 91 -22.51 -23.86 -15.82
CA GLY B 91 -23.55 -22.87 -15.64
C GLY B 91 -23.16 -21.45 -16.00
N GLY B 92 -21.92 -21.22 -16.44
CA GLY B 92 -21.50 -19.87 -16.72
C GLY B 92 -21.34 -19.01 -15.48
N PHE B 93 -21.26 -19.64 -14.31
CA PHE B 93 -20.98 -18.92 -13.07
C PHE B 93 -19.48 -18.71 -12.94
N VAL B 94 -19.11 -17.68 -12.17
CA VAL B 94 -17.72 -17.26 -12.08
C VAL B 94 -17.18 -17.65 -10.71
N PRO B 95 -16.46 -18.76 -10.57
CA PRO B 95 -15.89 -19.10 -9.27
C PRO B 95 -14.92 -18.04 -8.78
N THR B 96 -14.86 -17.87 -7.47
CA THR B 96 -13.90 -16.99 -6.82
C THR B 96 -12.95 -17.87 -6.02
N LEU B 97 -11.76 -18.08 -6.56
CA LEU B 97 -10.80 -19.00 -5.97
C LEU B 97 -10.04 -18.31 -4.85
N VAL B 98 -10.37 -18.69 -3.61
CA VAL B 98 -9.65 -18.20 -2.43
C VAL B 98 -9.63 -19.34 -1.41
N SER B 99 -8.52 -19.42 -0.68
CA SER B 99 -8.36 -20.50 0.28
C SER B 99 -9.30 -20.32 1.46
N ALA B 100 -9.67 -21.45 2.07
CA ALA B 100 -10.45 -21.41 3.29
C ALA B 100 -9.65 -20.74 4.41
N ALA B 101 -10.35 -20.16 5.36
CA ALA B 101 -9.68 -19.50 6.47
C ALA B 101 -9.13 -20.54 7.45
N PRO B 102 -7.97 -20.30 8.04
CA PRO B 102 -7.45 -21.25 9.04
C PRO B 102 -8.43 -21.48 10.18
N THR B 103 -9.19 -20.46 10.57
CA THR B 103 -10.21 -20.59 11.59
C THR B 103 -11.26 -19.51 11.37
N TYR B 104 -12.53 -19.89 11.55
CA TYR B 104 -13.64 -18.96 11.48
C TYR B 104 -14.11 -18.51 12.86
N ARG B 105 -13.36 -18.86 13.91
CA ARG B 105 -13.77 -18.51 15.26
C ARG B 105 -13.37 -17.09 15.63
N GLU B 106 -12.21 -16.63 15.14
CA GLU B 106 -11.68 -15.32 15.47
C GLU B 106 -11.52 -14.49 14.21
N MET B 107 -11.42 -13.17 14.39
CA MET B 107 -11.29 -12.23 13.29
C MET B 107 -9.81 -12.04 12.98
N ASN B 108 -9.26 -13.00 12.23
CA ASN B 108 -7.86 -12.95 11.84
C ASN B 108 -7.73 -12.24 10.49
N ALA B 109 -6.49 -12.12 10.02
CA ALA B 109 -6.26 -11.44 8.74
C ALA B 109 -6.97 -12.16 7.60
N ALA B 110 -6.91 -13.49 7.58
CA ALA B 110 -7.54 -14.24 6.50
C ALA B 110 -9.02 -13.95 6.39
N VAL B 111 -9.71 -13.86 7.54
CA VAL B 111 -11.15 -13.64 7.52
C VAL B 111 -11.47 -12.22 7.06
N LYS B 112 -10.65 -11.24 7.44
CA LYS B 112 -10.84 -9.89 6.95
C LYS B 112 -10.73 -9.83 5.43
N LYS B 113 -9.69 -10.47 4.90
CA LYS B 113 -9.50 -10.49 3.44
C LYS B 113 -10.68 -11.16 2.75
N LEU B 114 -11.27 -12.18 3.36
CA LEU B 114 -12.44 -12.82 2.77
C LEU B 114 -13.63 -11.87 2.75
N HIS B 115 -13.88 -11.18 3.86
CA HIS B 115 -14.96 -10.20 3.88
C HIS B 115 -14.79 -9.15 2.78
N HIS B 116 -13.57 -8.64 2.62
CA HIS B 116 -13.32 -7.63 1.60
C HIS B 116 -13.73 -8.13 0.21
N ALA B 117 -13.23 -9.32 -0.15
CA ALA B 117 -13.59 -9.90 -1.45
C ALA B 117 -15.08 -10.18 -1.52
N TRP B 118 -15.63 -10.80 -0.46
CA TRP B 118 -17.04 -11.11 -0.43
C TRP B 118 -17.89 -9.86 -0.60
N LYS B 119 -17.54 -8.79 0.12
CA LYS B 119 -18.26 -7.53 -0.05
C LYS B 119 -18.03 -6.94 -1.44
N LEU B 120 -16.80 -6.99 -1.94
CA LEU B 120 -16.52 -6.45 -3.27
C LEU B 120 -17.36 -7.14 -4.33
N LEU B 121 -17.57 -8.45 -4.20
CA LEU B 121 -18.35 -9.22 -5.15
C LEU B 121 -19.85 -9.15 -4.89
N GLU B 122 -20.28 -8.31 -3.95
CA GLU B 122 -21.69 -8.07 -3.66
C GLU B 122 -22.37 -9.31 -3.09
N HIS B 123 -21.72 -9.91 -2.09
CA HIS B 123 -22.32 -10.96 -1.28
C HIS B 123 -22.69 -12.18 -2.13
N PRO B 124 -21.72 -12.81 -2.78
CA PRO B 124 -22.01 -14.02 -3.54
C PRO B 124 -22.34 -15.19 -2.62
N LEU B 125 -23.12 -16.12 -3.14
CA LEU B 125 -23.28 -17.40 -2.48
C LEU B 125 -21.90 -17.99 -2.19
N ILE B 126 -21.69 -18.43 -0.97
CA ILE B 126 -20.48 -19.15 -0.60
C ILE B 126 -20.72 -20.64 -0.77
N LEU B 127 -19.85 -21.28 -1.55
CA LEU B 127 -19.92 -22.71 -1.83
C LEU B 127 -18.79 -23.39 -1.08
N THR B 128 -19.13 -24.39 -0.28
CA THR B 128 -18.19 -24.97 0.67
C THR B 128 -18.44 -26.46 0.81
N ASP B 129 -17.70 -27.09 1.72
CA ASP B 129 -17.89 -28.48 2.09
C ASP B 129 -18.94 -28.63 3.17
N ASP B 130 -19.59 -29.80 3.18
CA ASP B 130 -20.45 -30.11 4.32
C ASP B 130 -19.63 -30.22 5.60
N SER B 131 -18.36 -30.61 5.49
CA SER B 131 -17.47 -30.59 6.64
C SER B 131 -17.29 -29.17 7.14
N LEU B 132 -16.98 -28.24 6.24
CA LEU B 132 -16.61 -26.88 6.60
C LEU B 132 -17.80 -25.95 6.78
N ILE B 133 -18.99 -26.34 6.32
CA ILE B 133 -20.12 -25.42 6.26
C ILE B 133 -20.47 -24.89 7.64
N GLU B 134 -20.20 -25.66 8.69
CA GLU B 134 -20.51 -25.18 10.03
C GLU B 134 -19.69 -23.95 10.37
N GLU B 135 -18.38 -24.01 10.17
CA GLU B 135 -17.51 -22.88 10.50
C GLU B 135 -17.79 -21.70 9.58
N VAL B 136 -18.04 -21.94 8.30
CA VAL B 136 -18.29 -20.86 7.36
C VAL B 136 -19.50 -20.06 7.79
N GLN B 137 -20.58 -20.74 8.16
CA GLN B 137 -21.78 -20.05 8.62
C GLN B 137 -21.49 -19.15 9.82
N GLY B 138 -20.40 -19.42 10.56
CA GLY B 138 -20.03 -18.58 11.67
C GLY B 138 -19.62 -17.18 11.26
N LEU B 139 -19.30 -16.98 9.98
CA LEU B 139 -18.97 -15.64 9.50
C LEU B 139 -20.13 -14.67 9.68
N ALA B 140 -21.36 -15.18 9.76
CA ALA B 140 -22.50 -14.31 10.03
C ALA B 140 -22.31 -13.54 11.33
N PHE B 141 -21.88 -14.24 12.38
CA PHE B 141 -21.60 -13.57 13.65
C PHE B 141 -20.34 -12.72 13.55
N LEU B 142 -19.29 -13.26 12.93
CA LEU B 142 -18.00 -12.58 12.91
C LEU B 142 -18.06 -11.31 12.06
N TRP B 143 -18.75 -11.36 10.92
CA TRP B 143 -18.91 -10.20 10.06
C TRP B 143 -20.10 -9.32 10.45
N HIS B 144 -20.97 -9.81 11.33
CA HIS B 144 -22.15 -9.06 11.78
C HIS B 144 -23.01 -8.66 10.58
N THR B 145 -23.36 -9.65 9.76
CA THR B 145 -24.20 -9.45 8.59
C THR B 145 -25.26 -10.54 8.52
N ASP B 146 -26.40 -10.18 7.92
CA ASP B 146 -27.51 -11.11 7.71
C ASP B 146 -27.69 -11.46 6.24
N GLN B 147 -26.76 -11.06 5.38
CA GLN B 147 -26.84 -11.33 3.94
C GLN B 147 -25.98 -12.51 3.52
N LEU B 148 -25.43 -13.26 4.47
CA LEU B 148 -24.58 -14.39 4.14
C LEU B 148 -25.40 -15.57 3.64
N ARG B 149 -24.94 -16.18 2.56
CA ARG B 149 -25.55 -17.38 2.00
C ARG B 149 -24.47 -18.43 1.81
N VAL B 150 -24.74 -19.65 2.28
CA VAL B 150 -23.78 -20.73 2.18
C VAL B 150 -24.50 -22.00 1.72
N ALA B 151 -23.78 -22.84 0.99
CA ALA B 151 -24.31 -24.11 0.53
C ALA B 151 -23.17 -25.11 0.42
N ALA B 152 -23.51 -26.38 0.63
CA ALA B 152 -22.54 -27.47 0.57
C ALA B 152 -22.60 -28.14 -0.79
N VAL B 153 -21.44 -28.63 -1.25
CA VAL B 153 -21.37 -29.30 -2.53
C VAL B 153 -21.90 -30.73 -2.44
N GLU B 154 -21.46 -31.48 -1.44
CA GLU B 154 -21.75 -32.91 -1.39
C GLU B 154 -23.24 -33.23 -1.50
N PRO B 155 -24.13 -32.66 -0.69
CA PRO B 155 -25.57 -32.93 -0.87
C PRO B 155 -26.06 -32.78 -2.30
N MET B 156 -25.49 -31.86 -3.07
CA MET B 156 -25.91 -31.66 -4.44
C MET B 156 -25.51 -32.81 -5.34
N LEU B 157 -24.60 -33.68 -4.89
CA LEU B 157 -24.15 -34.80 -5.73
C LEU B 157 -25.23 -35.86 -5.91
N THR B 158 -26.34 -35.79 -5.18
CA THR B 158 -27.44 -36.73 -5.33
C THR B 158 -28.50 -36.26 -6.31
N LEU B 159 -28.40 -35.02 -6.79
CA LEU B 159 -29.42 -34.45 -7.66
C LEU B 159 -29.26 -34.98 -9.08
N GLU B 160 -30.28 -34.72 -9.89
CA GLU B 160 -30.22 -35.10 -11.30
C GLU B 160 -29.18 -34.27 -12.03
N ARG B 161 -28.71 -34.81 -13.15
CA ARG B 161 -27.73 -34.12 -13.98
C ARG B 161 -28.43 -33.10 -14.85
N ASP B 162 -28.08 -31.83 -14.68
CA ASP B 162 -28.56 -30.77 -15.56
C ASP B 162 -27.60 -30.70 -16.74
N THR B 163 -28.03 -31.21 -17.88
CA THR B 163 -27.20 -31.26 -19.08
C THR B 163 -27.31 -30.01 -19.94
N ALA B 164 -28.05 -29.00 -19.50
CA ALA B 164 -28.19 -27.74 -20.23
C ALA B 164 -27.07 -26.82 -19.80
N ALA B 165 -25.99 -26.79 -20.58
CA ALA B 165 -24.86 -25.94 -20.29
C ALA B 165 -25.05 -24.57 -20.92
N HIS B 166 -24.71 -23.53 -20.18
CA HIS B 166 -24.80 -22.18 -20.72
C HIS B 166 -23.75 -22.01 -21.81
N PRO B 167 -24.13 -21.50 -22.99
CA PRO B 167 -23.13 -21.28 -24.05
C PRO B 167 -22.19 -20.14 -23.68
N ALA B 168 -20.90 -20.46 -23.60
CA ALA B 168 -19.89 -19.51 -23.18
C ALA B 168 -19.13 -18.96 -24.39
N ALA B 169 -18.62 -17.75 -24.25
CA ALA B 169 -17.76 -17.12 -25.24
C ALA B 169 -16.35 -16.97 -24.68
N PRO B 170 -15.32 -17.09 -25.53
CA PRO B 170 -13.94 -17.05 -25.01
C PRO B 170 -13.66 -15.88 -24.07
N ASP B 171 -14.24 -14.71 -24.33
CA ASP B 171 -13.97 -13.52 -23.55
C ASP B 171 -14.83 -13.40 -22.30
N ASP B 172 -15.80 -14.31 -22.10
CA ASP B 172 -16.53 -14.30 -20.85
C ASP B 172 -15.59 -14.56 -19.69
N SER B 173 -15.91 -13.98 -18.53
CA SER B 173 -15.12 -14.23 -17.33
C SER B 173 -15.29 -15.68 -16.90
N VAL B 174 -14.19 -16.35 -16.64
CA VAL B 174 -14.22 -17.77 -16.27
C VAL B 174 -14.02 -17.96 -14.77
N PHE B 175 -13.19 -17.15 -14.14
CA PHE B 175 -13.11 -17.16 -12.68
C PHE B 175 -12.42 -15.90 -12.18
N PHE B 176 -12.68 -15.59 -10.92
CA PHE B 176 -11.88 -14.65 -10.14
C PHE B 176 -10.86 -15.42 -9.32
N ILE B 177 -9.73 -14.78 -9.03
CA ILE B 177 -8.75 -15.34 -8.12
C ILE B 177 -8.12 -14.18 -7.35
N LEU B 178 -7.94 -14.37 -6.04
CA LEU B 178 -7.43 -13.33 -5.18
C LEU B 178 -5.91 -13.33 -5.16
N THR B 179 -5.32 -12.13 -5.15
CA THR B 179 -3.88 -12.00 -5.10
C THR B 179 -3.35 -12.43 -3.74
N SER B 180 -2.06 -12.72 -3.70
CA SER B 180 -1.40 -13.14 -2.48
C SER B 180 -0.70 -11.96 -1.79
N GLY B 184 -1.32 -6.00 2.54
CA GLY B 184 -2.53 -5.26 2.21
C GLY B 184 -3.69 -6.16 1.83
N MET B 185 -4.83 -5.55 1.53
CA MET B 185 -6.00 -6.33 1.13
C MET B 185 -5.78 -6.92 -0.26
N PRO B 186 -6.20 -8.17 -0.50
CA PRO B 186 -5.95 -8.79 -1.79
C PRO B 186 -6.85 -8.21 -2.87
N LYS B 187 -6.36 -8.25 -4.09
CA LYS B 187 -7.14 -7.82 -5.25
C LYS B 187 -7.74 -9.03 -5.95
N CYS B 188 -8.77 -8.77 -6.72
CA CYS B 188 -9.61 -9.80 -7.31
C CYS B 188 -9.30 -9.87 -8.80
N VAL B 189 -8.38 -10.77 -9.15
CA VAL B 189 -7.98 -10.95 -10.54
C VAL B 189 -9.11 -11.63 -11.31
N GLU B 190 -9.54 -11.03 -12.41
CA GLU B 190 -10.61 -11.56 -13.23
C GLU B 190 -10.04 -12.08 -14.55
N HIS B 191 -10.36 -13.32 -14.88
CA HIS B 191 -9.84 -13.96 -16.08
C HIS B 191 -10.99 -14.40 -16.99
N SER B 192 -10.64 -14.59 -18.26
CA SER B 192 -11.53 -15.11 -19.27
C SER B 192 -11.07 -16.51 -19.69
N HIS B 193 -11.95 -17.23 -20.38
CA HIS B 193 -11.53 -18.50 -20.97
C HIS B 193 -10.34 -18.29 -21.89
N ARG B 194 -10.34 -17.17 -22.62
CA ARG B 194 -9.31 -16.92 -23.62
C ARG B 194 -7.94 -16.75 -22.97
N SER B 195 -7.84 -15.89 -21.96
CA SER B 195 -6.54 -15.65 -21.34
C SER B 195 -6.03 -16.90 -20.64
N VAL B 196 -6.90 -17.59 -19.91
CA VAL B 196 -6.48 -18.80 -19.21
C VAL B 196 -6.08 -19.88 -20.20
N LEU B 197 -6.83 -20.04 -21.30
CA LEU B 197 -6.50 -21.07 -22.26
C LEU B 197 -5.26 -20.71 -23.07
N ALA B 198 -5.01 -19.42 -23.28
CA ALA B 198 -3.77 -19.04 -23.94
C ALA B 198 -2.57 -19.46 -23.10
N ASN B 199 -2.67 -19.36 -21.78
CA ASN B 199 -1.56 -19.79 -20.93
C ASN B 199 -1.44 -21.30 -20.92
N VAL B 200 -2.58 -22.00 -20.87
CA VAL B 200 -2.56 -23.47 -20.95
C VAL B 200 -1.87 -23.91 -22.22
N LYS B 201 -2.24 -23.32 -23.35
CA LYS B 201 -1.72 -23.78 -24.63
C LYS B 201 -0.23 -23.46 -24.75
N GLY B 202 0.18 -22.27 -24.34
CA GLY B 202 1.60 -21.95 -24.33
C GLY B 202 2.38 -22.84 -23.40
N THR B 203 1.84 -23.11 -22.21
CA THR B 203 2.52 -23.96 -21.25
C THR B 203 2.66 -25.38 -21.77
N VAL B 204 1.57 -25.92 -22.33
CA VAL B 204 1.63 -27.26 -22.90
C VAL B 204 2.69 -27.33 -23.99
N ALA B 205 2.76 -26.28 -24.83
CA ALA B 205 3.71 -26.28 -25.93
C ALA B 205 5.14 -26.18 -25.42
N ALA B 206 5.39 -25.30 -24.44
CA ALA B 206 6.75 -25.14 -23.94
C ALA B 206 7.26 -26.44 -23.32
N ASN B 207 6.44 -27.11 -22.52
CA ASN B 207 6.87 -28.31 -21.80
C ASN B 207 6.54 -29.59 -22.55
N GLN B 208 5.84 -29.50 -23.67
CA GLN B 208 5.49 -30.69 -24.45
C GLN B 208 4.64 -31.64 -23.61
N PHE B 209 3.73 -31.08 -22.82
CA PHE B 209 2.82 -31.90 -22.05
C PHE B 209 1.89 -32.67 -22.98
N THR B 210 1.56 -33.90 -22.60
CA THR B 210 0.75 -34.78 -23.43
C THR B 210 -0.27 -35.51 -22.56
N GLN B 211 -1.18 -36.21 -23.24
CA GLN B 211 -2.21 -36.99 -22.56
C GLN B 211 -1.62 -38.15 -21.75
N GLU B 212 -0.36 -38.50 -21.95
CA GLU B 212 0.26 -39.60 -21.23
C GLU B 212 0.91 -39.18 -19.93
N ASP B 213 1.02 -37.87 -19.65
CA ASP B 213 1.58 -37.42 -18.40
C ASP B 213 0.75 -37.92 -17.22
N VAL B 214 1.40 -38.09 -16.07
CA VAL B 214 0.73 -38.40 -14.81
C VAL B 214 1.08 -37.28 -13.85
N SER B 215 0.09 -36.46 -13.52
CA SER B 215 0.30 -35.25 -12.74
C SER B 215 0.04 -35.50 -11.26
N LEU B 216 0.90 -34.91 -10.42
CA LEU B 216 0.73 -34.93 -8.98
C LEU B 216 0.85 -33.49 -8.47
N ASP B 217 -0.15 -33.06 -7.71
CA ASP B 217 -0.15 -31.69 -7.20
C ASP B 217 -0.80 -31.66 -5.82
N TRP B 218 -0.05 -31.20 -4.82
CA TRP B 218 -0.59 -30.94 -3.49
C TRP B 218 -0.76 -29.44 -3.22
N MET B 219 -0.37 -28.58 -4.14
CA MET B 219 -0.51 -27.15 -3.92
C MET B 219 -1.98 -26.75 -4.03
N PRO B 220 -2.38 -25.67 -3.34
CA PRO B 220 -3.80 -25.32 -3.30
C PRO B 220 -4.34 -24.97 -4.67
N LEU B 221 -5.59 -25.37 -4.92
CA LEU B 221 -6.27 -25.01 -6.16
C LEU B 221 -6.65 -23.54 -6.21
N ASP B 222 -6.57 -22.82 -5.09
CA ASP B 222 -6.75 -21.38 -5.10
C ASP B 222 -5.49 -20.63 -5.52
N HIS B 223 -4.36 -21.34 -5.64
CA HIS B 223 -3.15 -20.80 -6.23
C HIS B 223 -3.26 -20.91 -7.75
N ILE B 224 -2.78 -19.90 -8.46
CA ILE B 224 -2.94 -19.88 -9.92
C ILE B 224 -2.22 -21.07 -10.55
N GLY B 225 -1.04 -21.41 -10.04
CA GLY B 225 -0.34 -22.58 -10.56
C GLY B 225 -1.07 -23.87 -10.30
N GLY B 226 -1.90 -23.90 -9.26
CA GLY B 226 -2.68 -25.09 -8.96
C GLY B 226 -3.85 -25.26 -9.91
N ILE B 227 -4.57 -24.16 -10.16
CA ILE B 227 -5.77 -24.27 -10.99
C ILE B 227 -5.40 -24.25 -12.48
N VAL B 228 -4.49 -23.38 -12.90
CA VAL B 228 -4.17 -23.25 -14.32
C VAL B 228 -3.00 -24.14 -14.70
N MET B 229 -1.81 -23.84 -14.16
CA MET B 229 -0.59 -24.48 -14.64
C MET B 229 -0.69 -26.01 -14.58
N PHE B 230 -1.47 -26.54 -13.64
CA PHE B 230 -1.61 -27.99 -13.51
C PHE B 230 -3.04 -28.42 -13.80
N HIS B 231 -4.02 -28.06 -12.96
CA HIS B 231 -5.35 -28.64 -13.12
C HIS B 231 -5.89 -28.43 -14.53
N LEU B 232 -5.93 -27.18 -14.99
CA LEU B 232 -6.53 -26.90 -16.30
C LEU B 232 -5.65 -27.44 -17.43
N VAL B 233 -4.32 -27.33 -17.29
CA VAL B 233 -3.42 -27.97 -18.25
C VAL B 233 -3.71 -29.47 -18.33
N ASN B 234 -3.95 -30.11 -17.18
CA ASN B 234 -4.15 -31.56 -17.17
C ASN B 234 -5.46 -31.94 -17.84
N VAL B 235 -6.53 -31.17 -17.59
CA VAL B 235 -7.80 -31.45 -18.27
C VAL B 235 -7.66 -31.15 -19.76
N TYR B 236 -6.91 -30.11 -20.12
CA TYR B 236 -6.73 -29.77 -21.52
C TYR B 236 -5.97 -30.87 -22.27
N THR B 237 -4.91 -31.41 -21.67
CA THR B 237 -4.20 -32.53 -22.28
C THR B 237 -4.92 -33.85 -22.10
N GLY B 238 -5.92 -33.91 -21.22
CA GLY B 238 -6.63 -35.14 -20.98
C GLY B 238 -5.87 -36.16 -20.17
N CYS B 239 -4.82 -35.74 -19.47
CA CYS B 239 -3.94 -36.68 -18.80
C CYS B 239 -4.45 -37.02 -17.42
N GLU B 240 -3.83 -38.03 -16.82
CA GLU B 240 -4.13 -38.44 -15.46
C GLU B 240 -3.51 -37.46 -14.48
N GLN B 241 -4.30 -36.98 -13.52
CA GLN B 241 -3.80 -36.07 -12.51
C GLN B 241 -4.18 -36.57 -11.12
N ILE B 242 -3.22 -36.55 -10.20
CA ILE B 242 -3.43 -36.92 -8.81
C ILE B 242 -3.44 -35.65 -7.98
N ARG B 243 -4.41 -35.54 -7.07
CA ARG B 243 -4.53 -34.41 -6.16
C ARG B 243 -4.35 -34.89 -4.73
N ALA B 244 -3.45 -34.22 -4.00
CA ALA B 244 -3.31 -34.38 -2.57
C ALA B 244 -3.70 -33.08 -1.87
N ARG B 245 -3.94 -33.18 -0.58
CA ARG B 245 -4.23 -32.00 0.22
C ARG B 245 -2.95 -31.31 0.66
N THR B 246 -2.95 -29.98 0.63
CA THR B 246 -1.75 -29.22 0.97
C THR B 246 -1.32 -29.52 2.40
N ASP B 247 -2.27 -29.58 3.33
CA ASP B 247 -1.93 -29.84 4.73
C ASP B 247 -1.21 -31.18 4.88
N ASP B 248 -1.64 -32.20 4.12
CA ASP B 248 -1.00 -33.51 4.22
C ASP B 248 0.49 -33.42 3.90
N PHE B 249 0.86 -32.60 2.92
CA PHE B 249 2.27 -32.46 2.60
C PHE B 249 3.02 -31.73 3.71
N ILE B 250 2.48 -30.60 4.17
CA ILE B 250 3.14 -29.84 5.23
C ILE B 250 3.26 -30.69 6.48
N ALA B 251 2.23 -31.48 6.80
CA ALA B 251 2.31 -32.39 7.94
C ALA B 251 3.53 -33.29 7.82
N GLN B 252 3.68 -33.97 6.68
CA GLN B 252 4.81 -34.88 6.45
C GLN B 252 5.28 -34.67 5.01
N PRO B 253 6.31 -33.85 4.79
CA PRO B 253 6.72 -33.57 3.41
C PRO B 253 7.09 -34.80 2.61
N LEU B 254 7.63 -35.84 3.26
CA LEU B 254 8.08 -37.01 2.51
C LEU B 254 6.93 -37.71 1.81
N ARG B 255 5.68 -37.42 2.19
CA ARG B 255 4.55 -37.95 1.42
C ARG B 255 4.63 -37.53 -0.04
N TRP B 256 5.27 -36.40 -0.33
CA TRP B 256 5.52 -36.02 -1.71
C TRP B 256 6.24 -37.13 -2.45
N LEU B 257 7.31 -37.67 -1.86
CA LEU B 257 8.04 -38.78 -2.47
C LEU B 257 7.16 -40.02 -2.54
N ASP B 258 6.45 -40.33 -1.46
CA ASP B 258 5.54 -41.46 -1.46
C ASP B 258 4.56 -41.38 -2.62
N TRP B 259 3.96 -40.21 -2.80
CA TRP B 259 2.94 -40.04 -3.85
C TRP B 259 3.56 -40.18 -5.23
N MET B 260 4.70 -39.53 -5.45
CA MET B 260 5.39 -39.64 -6.73
C MET B 260 5.68 -41.10 -7.05
N ASP B 261 6.11 -41.87 -6.05
CA ASP B 261 6.43 -43.27 -6.24
C ASP B 261 5.17 -44.09 -6.47
N ARG B 262 4.17 -43.90 -5.60
CA ARG B 262 2.98 -44.73 -5.61
C ARG B 262 2.18 -44.57 -6.90
N TYR B 263 2.14 -43.35 -7.45
CA TYR B 263 1.34 -43.09 -8.64
C TYR B 263 2.18 -42.97 -9.90
N ARG B 264 3.49 -43.14 -9.81
CA ARG B 264 4.38 -43.07 -10.98
C ARG B 264 4.22 -41.74 -11.69
N ALA B 265 4.11 -40.67 -10.90
CA ALA B 265 3.88 -39.34 -11.47
C ALA B 265 5.04 -38.95 -12.39
N THR B 266 4.70 -38.30 -13.50
CA THR B 266 5.69 -37.77 -14.43
C THR B 266 5.91 -36.28 -14.28
N LYS B 267 5.03 -35.57 -13.57
CA LYS B 267 5.22 -34.13 -13.38
C LYS B 267 4.58 -33.69 -12.08
N THR B 268 5.18 -32.68 -11.47
CA THR B 268 4.68 -32.10 -10.22
C THR B 268 5.32 -30.72 -10.09
N TRP B 269 4.92 -29.99 -9.06
CA TRP B 269 5.48 -28.67 -8.86
C TRP B 269 5.34 -28.25 -7.41
N ALA B 270 6.08 -27.22 -7.06
CA ALA B 270 5.98 -26.58 -5.74
C ALA B 270 6.83 -25.31 -5.77
N PRO B 271 6.60 -24.40 -4.82
CA PRO B 271 7.56 -23.31 -4.61
C PRO B 271 8.87 -23.85 -4.06
N ASN B 272 9.89 -23.00 -4.11
CA ASN B 272 11.24 -23.43 -3.73
C ASN B 272 11.28 -23.99 -2.32
N PHE B 273 10.42 -23.51 -1.42
CA PHE B 273 10.49 -23.95 -0.03
C PHE B 273 10.22 -25.44 0.10
N ALA B 274 9.29 -25.96 -0.71
CA ALA B 274 8.97 -27.39 -0.64
C ALA B 274 10.20 -28.23 -0.91
N PHE B 275 10.98 -27.87 -1.94
CA PHE B 275 12.23 -28.57 -2.22
C PHE B 275 13.16 -28.51 -1.02
N ALA B 276 13.27 -27.34 -0.39
CA ALA B 276 14.14 -27.21 0.78
C ALA B 276 13.59 -27.98 1.98
N MET B 277 12.26 -28.06 2.10
CA MET B 277 11.67 -28.90 3.15
C MET B 277 12.16 -30.34 3.02
N ILE B 278 12.09 -30.88 1.80
CA ILE B 278 12.55 -32.24 1.56
C ILE B 278 14.04 -32.37 1.89
N ASN B 279 14.82 -31.33 1.58
CA ASN B 279 16.24 -31.37 1.88
C ASN B 279 16.50 -31.49 3.38
N ASP B 280 15.59 -30.94 4.21
CA ASP B 280 15.76 -31.06 5.65
C ASP B 280 15.76 -32.51 6.11
N TYR B 281 15.06 -33.39 5.36
CA TYR B 281 14.85 -34.77 5.74
C TYR B 281 15.91 -35.73 5.20
N GLU B 282 17.14 -35.24 4.97
CA GLU B 282 18.20 -36.08 4.43
C GLU B 282 18.34 -37.39 5.19
N LYS B 283 18.19 -37.34 6.52
CA LYS B 283 18.32 -38.54 7.34
C LYS B 283 17.26 -39.58 6.97
N GLU B 284 15.98 -39.18 7.01
CA GLU B 284 14.91 -40.11 6.69
C GLU B 284 14.98 -40.58 5.24
N ILE B 285 15.45 -39.72 4.34
CA ILE B 285 15.56 -40.10 2.93
C ILE B 285 16.67 -41.11 2.73
N SER B 286 17.72 -41.06 3.55
CA SER B 286 18.83 -41.99 3.42
C SER B 286 18.48 -43.39 3.90
N SER B 287 17.39 -43.54 4.64
CA SER B 287 16.95 -44.83 5.15
C SER B 287 15.61 -45.27 4.56
N GLY B 288 15.17 -44.63 3.48
CA GLY B 288 13.94 -44.98 2.81
C GLY B 288 14.21 -45.55 1.42
N SER B 289 13.10 -45.86 0.74
CA SER B 289 13.18 -46.42 -0.60
C SER B 289 12.03 -45.90 -1.43
N TRP B 290 12.35 -45.21 -2.52
CA TRP B 290 11.36 -44.77 -3.48
C TRP B 290 11.88 -45.05 -4.88
N ASP B 291 10.94 -45.26 -5.80
CA ASP B 291 11.25 -45.34 -7.23
C ASP B 291 10.67 -44.08 -7.88
N LEU B 292 11.53 -43.09 -8.13
CA LEU B 292 11.15 -41.82 -8.72
C LEU B 292 11.55 -41.72 -10.19
N SER B 293 11.76 -42.86 -10.86
CA SER B 293 12.31 -42.86 -12.21
C SER B 293 11.32 -42.36 -13.25
N ALA B 294 10.03 -42.37 -12.97
CA ALA B 294 9.05 -41.87 -13.92
C ALA B 294 8.94 -40.35 -13.92
N MET B 295 9.46 -39.68 -12.90
CA MET B 295 9.35 -38.24 -12.82
C MET B 295 10.24 -37.59 -13.86
N THR B 296 9.65 -36.76 -14.73
CA THR B 296 10.40 -36.05 -15.74
C THR B 296 10.28 -34.54 -15.64
N CYS B 297 9.41 -34.01 -14.78
CA CYS B 297 9.17 -32.57 -14.75
C CYS B 297 8.78 -32.17 -13.32
N MET B 298 9.68 -31.48 -12.63
CA MET B 298 9.39 -30.92 -11.31
C MET B 298 9.51 -29.41 -11.41
N ILE B 299 8.39 -28.73 -11.62
CA ILE B 299 8.41 -27.28 -11.77
C ILE B 299 8.64 -26.65 -10.40
N ASN B 300 9.54 -25.67 -10.35
CA ASN B 300 9.84 -24.91 -9.15
C ASN B 300 9.57 -23.44 -9.45
N GLY B 301 8.54 -22.88 -8.83
CA GLY B 301 8.16 -21.49 -9.08
C GLY B 301 7.22 -21.00 -8.01
N ALA B 302 6.99 -19.69 -8.05
CA ALA B 302 6.16 -18.92 -7.11
C ALA B 302 7.05 -18.16 -6.11
N GLU B 303 8.33 -18.52 -6.07
CA GLU B 303 9.30 -17.89 -5.18
C GLU B 303 10.65 -17.89 -5.87
N ALA B 304 11.61 -17.23 -5.23
CA ALA B 304 12.99 -17.26 -5.72
C ALA B 304 13.50 -18.70 -5.73
N VAL B 305 14.07 -19.10 -6.86
CA VAL B 305 14.61 -20.44 -7.03
C VAL B 305 16.07 -20.40 -6.62
N VAL B 306 16.40 -21.06 -5.51
CA VAL B 306 17.74 -21.01 -4.93
C VAL B 306 18.56 -22.11 -5.57
N PRO B 307 19.67 -21.80 -6.23
CA PRO B 307 20.50 -22.87 -6.82
C PRO B 307 20.93 -23.92 -5.81
N LYS B 308 21.30 -23.51 -4.60
CA LYS B 308 21.71 -24.47 -3.58
C LYS B 308 20.62 -25.50 -3.31
N THR B 309 19.39 -25.03 -3.13
CA THR B 309 18.30 -25.92 -2.74
C THR B 309 18.00 -26.95 -3.82
N ILE B 310 17.93 -26.51 -5.07
CA ILE B 310 17.54 -27.42 -6.15
C ILE B 310 18.64 -28.44 -6.42
N HIS B 311 19.90 -28.00 -6.39
CA HIS B 311 20.99 -28.94 -6.68
C HIS B 311 21.20 -29.93 -5.54
N ARG B 312 21.03 -29.48 -4.29
CA ARG B 312 20.99 -30.40 -3.17
C ARG B 312 19.84 -31.38 -3.33
N PHE B 313 18.62 -30.86 -3.54
CA PHE B 313 17.46 -31.69 -3.79
C PHE B 313 17.74 -32.76 -4.82
N LEU B 314 18.46 -32.41 -5.89
CA LEU B 314 18.73 -33.36 -6.97
C LEU B 314 19.70 -34.44 -6.52
N HIS B 315 20.80 -34.05 -5.86
N HIS B 315 20.81 -34.06 -5.87
CA HIS B 315 21.77 -35.04 -5.40
CA HIS B 315 21.77 -35.05 -5.40
C HIS B 315 21.17 -35.98 -4.38
C HIS B 315 21.14 -36.00 -4.40
N LEU B 316 20.17 -35.52 -3.62
CA LEU B 316 19.64 -36.30 -2.51
C LEU B 316 18.63 -37.34 -2.95
N LEU B 317 17.86 -37.07 -4.02
CA LEU B 317 16.90 -38.03 -4.53
C LEU B 317 17.43 -38.83 -5.71
N ALA B 318 18.63 -38.53 -6.19
CA ALA B 318 19.22 -39.33 -7.26
C ALA B 318 19.29 -40.81 -6.92
N PRO B 319 19.69 -41.23 -5.71
CA PRO B 319 19.69 -42.67 -5.42
C PRO B 319 18.32 -43.31 -5.63
N HIS B 320 17.25 -42.54 -5.47
CA HIS B 320 15.89 -43.05 -5.63
C HIS B 320 15.37 -42.89 -7.04
N GLY B 321 16.25 -42.68 -8.02
CA GLY B 321 15.86 -42.68 -9.41
C GLY B 321 15.43 -41.35 -9.99
N LEU B 322 15.53 -40.26 -9.23
CA LEU B 322 15.15 -38.95 -9.77
C LEU B 322 16.22 -38.49 -10.76
N LYS B 323 15.85 -38.40 -12.04
CA LYS B 323 16.76 -37.88 -13.04
C LYS B 323 17.18 -36.45 -12.69
N GLY B 324 18.41 -36.10 -13.08
CA GLY B 324 19.01 -34.84 -12.68
C GLY B 324 18.59 -33.63 -13.48
N ASP B 325 17.74 -33.81 -14.49
CA ASP B 325 17.28 -32.71 -15.32
C ASP B 325 15.81 -32.38 -15.11
N VAL B 326 15.19 -32.97 -14.08
CA VAL B 326 13.73 -32.89 -13.97
C VAL B 326 13.27 -31.53 -13.50
N ILE B 327 14.06 -30.83 -12.69
CA ILE B 327 13.62 -29.58 -12.11
C ILE B 327 13.58 -28.49 -13.17
N ARG B 328 12.45 -27.79 -13.24
CA ARG B 328 12.24 -26.71 -14.21
C ARG B 328 11.86 -25.44 -13.48
N PRO B 329 12.78 -24.50 -13.26
CA PRO B 329 12.40 -23.21 -12.71
C PRO B 329 11.35 -22.55 -13.58
N ALA B 330 10.46 -21.79 -12.94
CA ALA B 330 9.36 -21.14 -13.63
C ALA B 330 8.95 -19.90 -12.87
N PHE B 331 8.47 -18.91 -13.61
CA PHE B 331 7.95 -17.68 -13.04
C PHE B 331 6.60 -17.37 -13.66
N GLY B 332 5.72 -16.79 -12.85
CA GLY B 332 4.46 -16.28 -13.37
C GLY B 332 3.74 -15.50 -12.29
N MET B 333 2.53 -15.08 -12.63
CA MET B 333 1.67 -14.35 -11.73
C MET B 333 0.24 -14.73 -12.02
N SER B 334 -0.64 -14.57 -11.02
CA SER B 334 -2.05 -14.83 -11.25
C SER B 334 -2.63 -13.87 -12.28
N GLU B 335 -2.13 -12.63 -12.32
CA GLU B 335 -2.60 -11.64 -13.28
C GLU B 335 -2.31 -12.04 -14.71
N ILE B 336 -1.32 -12.89 -14.93
CA ILE B 336 -1.04 -13.45 -16.25
C ILE B 336 -1.37 -14.94 -16.29
N SER B 337 -2.18 -15.41 -15.32
CA SER B 337 -2.72 -16.78 -15.27
C SER B 337 -1.63 -17.84 -15.19
N SER B 338 -0.62 -17.59 -14.35
CA SER B 338 0.37 -18.56 -13.91
C SER B 338 1.66 -18.43 -14.72
N ALA B 339 2.38 -19.53 -14.92
CA ALA B 339 3.75 -19.46 -15.42
C ALA B 339 3.78 -18.94 -16.85
N VAL B 340 4.76 -18.08 -17.14
CA VAL B 340 5.01 -17.59 -18.49
C VAL B 340 6.44 -17.83 -18.95
N VAL B 341 7.31 -18.35 -18.10
CA VAL B 341 8.65 -18.80 -18.49
C VAL B 341 8.93 -20.13 -17.80
N PHE B 342 9.63 -21.02 -18.50
CA PHE B 342 10.10 -22.28 -17.96
C PHE B 342 11.55 -22.48 -18.38
N SER B 343 12.40 -22.88 -17.43
CA SER B 343 13.81 -23.12 -17.67
C SER B 343 14.06 -24.63 -17.78
N PHE B 344 14.71 -25.05 -18.86
CA PHE B 344 15.02 -26.44 -19.12
C PHE B 344 16.51 -26.73 -18.98
N ALA B 345 17.22 -25.93 -18.19
CA ALA B 345 18.67 -25.98 -18.15
C ALA B 345 19.24 -26.52 -16.84
N ILE B 346 18.43 -26.64 -15.79
CA ILE B 346 18.97 -27.16 -14.53
C ILE B 346 19.40 -28.60 -14.72
N GLU B 347 20.59 -28.92 -14.19
CA GLU B 347 21.16 -30.26 -14.25
C GLU B 347 21.87 -30.56 -12.94
N ARG B 348 21.76 -31.81 -12.49
CA ARG B 348 22.39 -32.21 -11.25
C ARG B 348 23.92 -32.22 -11.38
N GLY B 349 24.42 -32.74 -12.50
CA GLY B 349 25.84 -32.90 -12.71
C GLY B 349 26.58 -31.67 -13.18
N ASP B 350 25.92 -30.51 -13.23
CA ASP B 350 26.55 -29.27 -13.68
C ASP B 350 25.80 -28.12 -12.99
N GLU B 351 26.25 -27.80 -11.77
CA GLU B 351 25.54 -26.84 -10.93
C GLU B 351 25.64 -25.41 -11.46
N ASN B 352 26.35 -25.18 -12.56
CA ASN B 352 26.37 -23.87 -13.19
C ASN B 352 25.41 -23.77 -14.37
N SER B 353 24.98 -24.90 -14.91
CA SER B 353 24.00 -24.89 -16.00
C SER B 353 22.69 -24.26 -15.53
N GLY B 354 22.05 -23.51 -16.41
CA GLY B 354 20.82 -22.83 -16.07
C GLY B 354 20.96 -21.87 -14.91
N VAL B 355 22.20 -21.55 -14.55
CA VAL B 355 22.49 -20.58 -13.50
C VAL B 355 23.51 -19.60 -14.04
N LEU B 356 23.37 -18.34 -13.68
CA LEU B 356 24.27 -17.28 -14.13
C LEU B 356 24.80 -16.56 -12.91
N THR B 357 26.12 -16.46 -12.81
CA THR B 357 26.78 -15.72 -11.75
C THR B 357 27.51 -14.52 -12.35
N PHE B 358 27.58 -13.44 -11.58
CA PHE B 358 28.16 -12.19 -12.04
C PHE B 358 28.97 -11.55 -10.93
N GLU B 359 29.86 -10.64 -11.34
CA GLU B 359 30.53 -9.78 -10.37
C GLU B 359 29.50 -8.88 -9.70
N GLU B 360 29.49 -8.88 -8.36
CA GLU B 360 28.50 -8.09 -7.64
C GLU B 360 28.60 -6.60 -7.92
N THR B 361 29.68 -6.15 -8.56
CA THR B 361 29.83 -4.74 -8.91
C THR B 361 29.26 -4.40 -10.28
N SER B 362 28.99 -5.40 -11.11
CA SER B 362 28.48 -5.19 -12.46
C SER B 362 26.96 -5.13 -12.50
N LEU B 363 26.29 -5.10 -11.35
CA LEU B 363 24.85 -5.21 -11.30
C LEU B 363 24.13 -3.93 -11.68
N THR B 364 24.78 -2.77 -11.54
CA THR B 364 24.14 -1.50 -11.90
C THR B 364 24.26 -1.19 -13.38
N GLU B 365 25.23 -1.79 -14.08
CA GLU B 365 25.35 -1.60 -15.52
C GLU B 365 25.40 -2.96 -16.20
N GLN B 366 26.04 -3.06 -17.38
CA GLN B 366 26.08 -4.30 -18.11
C GLN B 366 26.70 -5.41 -17.26
N LEU B 367 25.90 -6.41 -16.91
CA LEU B 367 26.37 -7.49 -16.05
C LEU B 367 27.61 -8.14 -16.65
N ARG B 368 28.58 -8.44 -15.78
CA ARG B 368 29.81 -9.10 -16.19
C ARG B 368 29.83 -10.52 -15.65
N PRO B 369 29.89 -11.54 -16.50
CA PRO B 369 29.93 -12.92 -15.99
C PRO B 369 31.21 -13.18 -15.22
N ALA B 370 31.12 -14.16 -14.31
CA ALA B 370 32.24 -14.48 -13.44
C ALA B 370 32.21 -15.97 -13.11
N GLU B 371 33.21 -16.41 -12.36
CA GLU B 371 33.23 -17.73 -11.76
C GLU B 371 32.90 -17.59 -10.29
N ALA B 372 31.89 -18.32 -9.82
CA ALA B 372 31.39 -18.15 -8.46
C ALA B 372 32.53 -18.11 -7.45
N ARG B 373 32.42 -17.21 -6.49
CA ARG B 373 33.40 -17.05 -5.42
C ARG B 373 32.69 -16.96 -4.08
N GLU B 374 33.46 -17.15 -3.02
CA GLU B 374 32.88 -17.11 -1.67
C GLU B 374 32.29 -15.74 -1.38
N THR B 375 32.97 -14.68 -1.81
CA THR B 375 32.46 -13.32 -1.73
C THR B 375 32.78 -12.58 -3.01
N GLY B 376 31.99 -11.56 -3.31
CA GLY B 376 32.18 -10.75 -4.49
C GLY B 376 31.44 -11.22 -5.72
N THR B 377 30.66 -12.30 -5.63
CA THR B 377 29.88 -12.80 -6.75
C THR B 377 28.48 -13.15 -6.29
N VAL B 378 27.51 -12.90 -7.16
CA VAL B 378 26.12 -13.28 -6.93
C VAL B 378 25.69 -14.19 -8.08
N SER B 379 24.81 -15.14 -7.77
CA SER B 379 24.34 -16.12 -8.74
C SER B 379 22.83 -16.21 -8.71
N PHE B 380 22.23 -16.26 -9.90
CA PHE B 380 20.78 -16.32 -10.04
C PHE B 380 20.41 -17.51 -10.93
N THR B 381 19.22 -18.06 -10.68
CA THR B 381 18.70 -19.15 -11.49
C THR B 381 17.96 -18.57 -12.68
N GLU B 382 18.36 -18.96 -13.88
CA GLU B 382 17.59 -18.62 -15.06
C GLU B 382 16.20 -19.22 -14.96
N LEU B 383 15.19 -18.47 -15.40
CA LEU B 383 13.82 -18.94 -15.40
C LEU B 383 13.30 -19.25 -16.80
N GLY B 384 14.14 -19.13 -17.83
CA GLY B 384 13.83 -19.67 -19.14
C GLY B 384 13.26 -18.62 -20.08
N LYS B 385 12.91 -19.11 -21.28
CA LYS B 385 12.35 -18.29 -22.33
C LYS B 385 10.83 -18.12 -22.13
N PRO B 386 10.26 -17.02 -22.63
CA PRO B 386 8.80 -16.90 -22.60
C PRO B 386 8.17 -18.09 -23.30
N ILE B 387 7.00 -18.50 -22.81
CA ILE B 387 6.22 -19.52 -23.51
C ILE B 387 5.68 -18.88 -24.78
N PRO B 388 5.25 -19.66 -25.76
CA PRO B 388 4.68 -19.08 -26.98
C PRO B 388 3.59 -18.08 -26.67
N GLY B 389 3.60 -16.97 -27.41
CA GLY B 389 2.62 -15.92 -27.26
C GLY B 389 3.03 -14.81 -26.32
N ILE B 390 3.96 -15.07 -25.41
CA ILE B 390 4.37 -14.10 -24.40
C ILE B 390 5.57 -13.32 -24.90
N THR B 391 5.59 -12.02 -24.62
CA THR B 391 6.73 -11.17 -24.84
C THR B 391 7.13 -10.55 -23.52
N ILE B 392 8.41 -10.66 -23.17
CA ILE B 392 8.95 -10.07 -21.96
C ILE B 392 9.95 -8.98 -22.34
N ARG B 393 9.97 -7.91 -21.55
CA ARG B 393 10.97 -6.86 -21.73
C ARG B 393 11.37 -6.33 -20.37
N ILE B 394 12.56 -5.74 -20.31
CA ILE B 394 13.09 -5.09 -19.12
C ILE B 394 13.24 -3.61 -19.42
N VAL B 395 12.89 -2.76 -18.45
CA VAL B 395 12.85 -1.32 -18.65
C VAL B 395 13.38 -0.62 -17.41
N ASN B 396 13.86 0.61 -17.60
CA ASN B 396 14.40 1.42 -16.52
C ASN B 396 13.26 2.21 -15.87
N HIS B 397 13.61 3.15 -14.99
CA HIS B 397 12.61 3.89 -14.23
C HIS B 397 11.71 4.74 -15.13
N GLN B 398 12.12 5.03 -16.36
CA GLN B 398 11.30 5.78 -17.30
C GLN B 398 10.64 4.89 -18.35
N HIS B 399 10.58 3.58 -18.09
CA HIS B 399 9.92 2.61 -18.97
C HIS B 399 10.57 2.57 -20.36
N GLU B 400 11.87 2.87 -20.42
CA GLU B 400 12.63 2.74 -21.66
C GLU B 400 13.24 1.36 -21.75
N LEU B 401 13.23 0.80 -22.97
CA LEU B 401 13.78 -0.53 -23.19
C LEU B 401 15.26 -0.56 -22.84
N LEU B 402 15.69 -1.66 -22.24
CA LEU B 402 17.08 -1.87 -21.89
C LEU B 402 17.70 -2.93 -22.79
N PRO B 403 19.02 -3.01 -22.84
CA PRO B 403 19.67 -4.14 -23.53
C PRO B 403 19.76 -5.34 -22.61
N GLU B 404 20.12 -6.48 -23.21
CA GLU B 404 20.29 -7.69 -22.42
C GLU B 404 21.35 -7.47 -21.35
N ASP B 405 21.34 -8.35 -20.35
CA ASP B 405 22.31 -8.31 -19.25
C ASP B 405 22.21 -7.05 -18.42
N HIS B 406 21.04 -6.41 -18.41
CA HIS B 406 20.80 -5.23 -17.58
C HIS B 406 19.58 -5.48 -16.70
N ILE B 407 19.70 -5.13 -15.43
CA ILE B 407 18.62 -5.33 -14.47
C ILE B 407 17.64 -4.18 -14.54
N GLY B 408 16.35 -4.50 -14.59
CA GLY B 408 15.33 -3.47 -14.59
C GLY B 408 13.97 -4.08 -14.32
N ARG B 409 12.95 -3.24 -14.47
CA ARG B 409 11.58 -3.65 -14.19
C ARG B 409 11.07 -4.60 -15.28
N VAL B 410 10.49 -5.72 -14.85
CA VAL B 410 10.01 -6.75 -15.77
C VAL B 410 8.59 -6.43 -16.20
N GLN B 411 8.33 -6.52 -17.50
CA GLN B 411 7.00 -6.27 -18.05
C GLN B 411 6.64 -7.40 -18.99
N ILE B 412 5.35 -7.70 -19.05
CA ILE B 412 4.85 -8.84 -19.80
C ILE B 412 3.75 -8.36 -20.74
N LYS B 413 3.76 -8.92 -21.95
CA LYS B 413 2.72 -8.67 -22.93
C LYS B 413 2.36 -10.00 -23.58
N GLY B 414 1.06 -10.22 -23.77
CA GLY B 414 0.62 -11.44 -24.39
C GLY B 414 -0.85 -11.72 -24.15
N PRO B 415 -1.31 -12.87 -24.63
CA PRO B 415 -2.73 -13.22 -24.54
C PRO B 415 -3.17 -13.81 -23.21
N THR B 416 -2.29 -13.95 -22.23
CA THR B 416 -2.64 -14.60 -20.97
C THR B 416 -3.03 -13.60 -19.89
N THR B 417 -3.10 -12.32 -20.23
CA THR B 417 -3.28 -11.28 -19.24
C THR B 417 -4.74 -11.20 -18.79
N MET B 418 -4.93 -10.93 -17.51
CA MET B 418 -6.26 -10.83 -16.93
C MET B 418 -7.05 -9.68 -17.56
N LYS B 419 -8.37 -9.75 -17.43
CA LYS B 419 -9.21 -8.60 -17.75
C LYS B 419 -8.83 -7.40 -16.89
N GLY B 420 -8.48 -7.65 -15.65
CA GLY B 420 -8.08 -6.61 -14.72
C GLY B 420 -8.48 -6.97 -13.31
N TYR B 421 -8.06 -6.12 -12.36
CA TYR B 421 -8.53 -6.24 -10.99
C TYR B 421 -9.98 -5.79 -10.91
N TYR B 422 -10.80 -6.61 -10.28
CA TYR B 422 -12.23 -6.36 -10.27
C TYR B 422 -12.54 -5.09 -9.48
N ARG B 423 -13.33 -4.21 -10.10
CA ARG B 423 -13.81 -3.00 -9.47
C ARG B 423 -12.67 -2.17 -8.89
N ASN B 424 -11.60 -2.02 -9.68
CA ASN B 424 -10.50 -1.17 -9.25
C ASN B 424 -9.82 -0.58 -10.49
N ASP B 425 -10.46 0.46 -11.06
CA ASP B 425 -9.86 1.16 -12.19
C ASP B 425 -8.44 1.63 -11.87
N GLU B 426 -8.25 2.16 -10.66
CA GLU B 426 -6.96 2.76 -10.31
C GLU B 426 -5.84 1.73 -10.33
N ALA B 427 -6.04 0.59 -9.66
CA ALA B 427 -5.01 -0.43 -9.65
C ALA B 427 -4.76 -0.99 -11.05
N ASN B 428 -5.79 -1.00 -11.90
CA ASN B 428 -5.62 -1.51 -13.26
C ASN B 428 -4.76 -0.56 -14.09
N GLN B 429 -4.85 0.75 -13.85
CA GLN B 429 -3.96 1.68 -14.50
C GLN B 429 -2.51 1.44 -14.10
N GLU B 430 -2.26 1.18 -12.82
CA GLU B 430 -0.90 1.03 -12.33
C GLU B 430 -0.17 -0.11 -13.01
N VAL B 431 -0.88 -1.19 -13.33
CA VAL B 431 -0.23 -2.39 -13.86
C VAL B 431 -0.35 -2.43 -15.38
N PHE B 432 -1.43 -1.87 -15.93
CA PHE B 432 -1.63 -1.86 -17.38
C PHE B 432 -0.94 -0.62 -17.94
N GLN B 433 0.31 -0.79 -18.36
CA GLN B 433 1.09 0.30 -18.92
C GLN B 433 0.77 0.50 -20.39
N ALA B 434 1.38 1.51 -20.99
CA ALA B 434 1.17 1.81 -22.40
C ALA B 434 1.81 0.73 -23.27
N ASP B 435 1.32 0.64 -24.50
CA ASP B 435 1.79 -0.32 -25.50
C ASP B 435 1.44 -1.76 -25.12
N GLY B 436 0.42 -1.96 -24.30
CA GLY B 436 -0.03 -3.28 -23.94
C GLY B 436 0.87 -4.06 -23.02
N TRP B 437 1.62 -3.39 -22.16
CA TRP B 437 2.58 -4.03 -21.27
C TRP B 437 2.03 -4.08 -19.85
N PHE B 438 2.16 -5.25 -19.22
CA PHE B 438 1.74 -5.45 -17.85
C PHE B 438 2.95 -5.29 -16.93
N HIS B 439 2.80 -4.47 -15.89
CA HIS B 439 3.88 -4.19 -14.95
C HIS B 439 3.83 -5.22 -13.83
N THR B 440 4.83 -6.10 -13.79
CA THR B 440 4.83 -7.21 -12.84
C THR B 440 5.16 -6.77 -11.42
N GLY B 441 5.99 -5.73 -11.27
CA GLY B 441 6.54 -5.36 -9.99
C GLY B 441 7.81 -6.09 -9.62
N ASP B 442 8.34 -6.93 -10.51
CA ASP B 442 9.55 -7.68 -10.27
C ASP B 442 10.71 -7.11 -11.06
N LEU B 443 11.92 -7.39 -10.57
CA LEU B 443 13.16 -6.94 -11.19
C LEU B 443 13.94 -8.13 -11.73
N GLY B 444 14.69 -7.88 -12.79
CA GLY B 444 15.49 -8.93 -13.39
C GLY B 444 16.04 -8.48 -14.73
N PHE B 445 16.64 -9.43 -15.43
CA PHE B 445 17.27 -9.16 -16.71
C PHE B 445 16.91 -10.26 -17.70
N LEU B 446 17.17 -9.99 -18.97
CA LEU B 446 17.05 -10.98 -20.03
C LEU B 446 18.45 -11.32 -20.52
N HIS B 447 18.69 -12.61 -20.75
CA HIS B 447 19.97 -13.10 -21.25
C HIS B 447 19.70 -14.19 -22.28
N GLU B 448 20.07 -13.94 -23.54
CA GLU B 448 19.82 -14.89 -24.62
C GLU B 448 18.33 -15.21 -24.73
N GLY B 449 17.49 -14.20 -24.49
CA GLY B 449 16.06 -14.37 -24.53
C GLY B 449 15.45 -15.01 -23.31
N ARG B 450 16.26 -15.36 -22.30
CA ARG B 450 15.79 -16.04 -21.10
C ARG B 450 15.67 -15.04 -19.96
N LEU B 451 14.56 -15.13 -19.23
CA LEU B 451 14.33 -14.26 -18.10
C LEU B 451 15.01 -14.79 -16.84
N THR B 452 15.60 -13.88 -16.08
CA THR B 452 16.18 -14.19 -14.78
C THR B 452 15.74 -13.09 -13.83
N LEU B 453 15.10 -13.47 -12.73
CA LEU B 453 14.66 -12.50 -11.74
C LEU B 453 15.73 -12.27 -10.69
N THR B 454 15.79 -11.04 -10.19
CA THR B 454 16.80 -10.64 -9.21
C THR B 454 16.21 -9.97 -7.98
N GLY B 455 14.93 -9.63 -7.98
CA GLY B 455 14.32 -9.00 -6.83
C GLY B 455 12.99 -8.39 -7.20
N ARG B 456 12.40 -7.69 -6.22
CA ARG B 456 11.13 -7.00 -6.40
C ARG B 456 11.32 -5.51 -6.20
N GLU B 457 10.37 -4.73 -6.72
CA GLU B 457 10.42 -3.28 -6.56
C GLU B 457 10.19 -2.88 -5.11
N LYS B 458 9.28 -3.57 -4.42
CA LYS B 458 9.02 -3.28 -3.01
C LYS B 458 10.27 -3.43 -2.14
N ASP B 459 11.34 -4.01 -2.67
CA ASP B 459 12.58 -4.19 -1.92
C ASP B 459 13.57 -3.05 -2.14
N MET B 460 13.32 -2.16 -3.11
CA MET B 460 14.24 -1.08 -3.39
C MET B 460 14.16 0.01 -2.33
N ILE B 461 15.27 0.72 -2.15
CA ILE B 461 15.39 1.77 -1.10
C ILE B 461 15.05 3.12 -1.72
N ILE B 462 14.07 3.84 -1.16
CA ILE B 462 13.64 5.17 -1.66
C ILE B 462 14.10 6.23 -0.67
N ILE B 463 14.95 7.13 -1.14
CA ILE B 463 15.50 8.25 -0.36
C ILE B 463 15.46 9.50 -1.25
N ASN B 464 14.92 10.60 -0.72
CA ASN B 464 14.85 11.86 -1.51
C ASN B 464 14.01 11.62 -2.77
N GLY B 465 13.02 10.72 -2.68
CA GLY B 465 12.10 10.40 -3.78
C GLY B 465 12.76 9.64 -4.92
N LYS B 466 14.04 9.31 -4.83
CA LYS B 466 14.76 8.50 -5.85
C LYS B 466 14.92 7.08 -5.33
N ASN B 467 14.93 6.10 -6.25
CA ASN B 467 14.87 4.64 -5.98
C ASN B 467 16.26 4.03 -6.24
N TYR B 468 16.71 3.13 -5.36
CA TYR B 468 18.06 2.51 -5.46
C TYR B 468 17.97 1.02 -5.12
N HIS B 469 18.77 0.24 -5.85
CA HIS B 469 18.95 -1.23 -5.68
C HIS B 469 19.78 -1.44 -4.41
N ASN B 470 19.65 -2.61 -3.77
CA ASN B 470 20.40 -2.95 -2.52
C ASN B 470 21.91 -3.02 -2.81
N TYR B 471 22.28 -3.62 -3.94
CA TYR B 471 23.69 -3.84 -4.37
C TYR B 471 24.42 -2.51 -4.61
N GLU B 472 23.72 -1.50 -5.14
CA GLU B 472 24.32 -0.18 -5.44
C GLU B 472 24.84 0.46 -4.15
N ILE B 473 24.05 0.42 -3.07
CA ILE B 473 24.41 0.97 -1.72
C ILE B 473 25.56 0.14 -1.15
N GLU B 474 25.51 -1.18 -1.32
CA GLU B 474 26.51 -2.16 -0.83
C GLU B 474 27.90 -1.82 -1.39
N ALA B 475 27.97 -1.41 -2.66
CA ALA B 475 29.26 -1.11 -3.33
C ALA B 475 29.89 0.12 -2.69
N ILE B 476 29.08 1.13 -2.33
CA ILE B 476 29.58 2.36 -1.65
C ILE B 476 30.09 1.97 -0.25
N ALA B 477 29.32 1.13 0.45
CA ALA B 477 29.57 0.65 1.82
C ALA B 477 30.87 -0.16 1.86
N GLU B 478 31.11 -0.95 0.81
CA GLU B 478 32.29 -1.85 0.64
C GLU B 478 33.57 -1.01 0.60
N GLU B 479 33.49 0.19 0.00
CA GLU B 479 34.65 1.10 -0.19
C GLU B 479 35.23 1.51 1.18
N VAL B 480 34.41 1.51 2.24
CA VAL B 480 34.83 1.93 3.59
C VAL B 480 35.89 0.95 4.10
N PRO B 481 37.03 1.44 4.63
CA PRO B 481 38.08 0.55 5.12
C PRO B 481 37.60 -0.26 6.33
N GLY B 482 37.91 -1.56 6.32
CA GLY B 482 37.51 -2.50 7.37
C GLY B 482 36.16 -3.16 7.10
N VAL B 483 35.56 -2.93 5.93
CA VAL B 483 34.27 -3.56 5.55
C VAL B 483 34.57 -4.65 4.53
N GLU B 484 34.52 -5.91 4.94
CA GLU B 484 34.79 -7.05 4.03
C GLU B 484 33.64 -7.15 3.02
N THR B 485 32.44 -7.46 3.50
CA THR B 485 31.22 -7.53 2.66
C THR B 485 30.07 -6.81 3.37
N SER B 486 28.98 -6.61 2.64
CA SER B 486 27.80 -5.88 3.16
C SER B 486 26.54 -6.36 2.44
N PHE B 487 25.40 -6.22 3.12
CA PHE B 487 24.06 -6.38 2.52
C PHE B 487 23.13 -5.31 3.11
N VAL B 488 22.30 -4.67 2.29
CA VAL B 488 21.41 -3.57 2.76
C VAL B 488 19.95 -3.95 2.49
N ALA B 489 19.09 -3.73 3.48
CA ALA B 489 17.68 -4.06 3.36
C ALA B 489 16.92 -2.81 3.81
N ALA B 490 16.04 -2.27 2.95
CA ALA B 490 15.26 -1.03 3.17
C ALA B 490 14.41 -1.13 4.45
N CYS B 491 14.23 -0.01 5.17
CA CYS B 491 13.44 0.10 6.41
C CYS B 491 12.41 1.24 6.26
N SER B 492 11.21 1.07 6.81
CA SER B 492 10.12 2.08 6.76
C SER B 492 9.68 2.40 8.20
N VAL B 493 9.67 3.68 8.61
CA VAL B 493 9.27 4.12 9.96
C VAL B 493 7.78 4.52 9.96
N LEU B 503 17.68 2.62 6.30
CA LEU B 503 18.64 1.85 5.47
C LEU B 503 19.47 0.93 6.40
N ILE B 504 19.00 -0.29 6.63
CA ILE B 504 19.69 -1.27 7.52
C ILE B 504 20.87 -1.87 6.76
N LEU B 505 22.09 -1.36 6.92
CA LEU B 505 23.22 -1.92 6.21
C LEU B 505 23.93 -2.91 7.15
N PHE B 506 23.87 -4.20 6.81
CA PHE B 506 24.48 -5.33 7.48
C PHE B 506 25.85 -5.62 6.88
N PHE B 507 26.93 -5.59 7.64
CA PHE B 507 28.33 -5.74 7.16
C PHE B 507 29.14 -6.71 8.01
N THR B 508 30.20 -7.20 7.40
CA THR B 508 31.20 -8.08 8.02
C THR B 508 32.48 -7.26 8.21
N PRO B 509 32.97 -7.06 9.45
CA PRO B 509 34.25 -6.37 9.62
C PRO B 509 35.43 -7.28 9.28
N LYS B 510 36.54 -6.68 8.83
CA LYS B 510 37.80 -7.40 8.51
C LYS B 510 38.34 -8.04 9.80
N LEU B 511 38.30 -7.30 10.91
CA LEU B 511 38.74 -7.80 12.23
C LEU B 511 37.64 -7.53 13.25
N TYR B 512 37.36 -8.53 14.09
CA TYR B 512 36.27 -8.47 15.10
C TYR B 512 36.83 -7.90 16.40
N GLU B 513 36.81 -6.56 16.51
CA GLU B 513 37.25 -5.80 17.70
C GLU B 513 36.32 -4.63 17.86
N PRO B 514 35.87 -4.30 19.10
CA PRO B 514 34.86 -3.26 19.34
C PRO B 514 35.08 -1.87 18.68
N ALA B 515 36.24 -1.26 18.93
CA ALA B 515 36.62 0.05 18.37
C ALA B 515 36.80 -0.04 16.86
N TYR B 516 37.35 -1.15 16.34
CA TYR B 516 37.55 -1.35 14.89
C TYR B 516 36.19 -1.39 14.19
N ILE B 517 35.23 -2.13 14.77
CA ILE B 517 33.84 -2.31 14.25
C ILE B 517 33.04 -1.00 14.33
N MET B 518 33.17 -0.27 15.46
CA MET B 518 32.43 0.98 15.75
C MET B 518 32.79 2.10 14.77
N ARG B 519 34.07 2.19 14.40
CA ARG B 519 34.62 3.25 13.50
C ARG B 519 34.38 2.87 12.02
N ALA B 520 34.52 1.61 11.61
CA ALA B 520 34.05 1.15 10.28
C ALA B 520 32.56 1.46 10.15
N SER B 521 31.80 1.24 11.21
CA SER B 521 30.36 1.59 11.29
C SER B 521 30.15 3.10 11.13
N GLN B 522 31.05 3.93 11.66
CA GLN B 522 30.92 5.40 11.55
C GLN B 522 31.29 5.86 10.13
N HIS B 523 32.28 5.23 9.50
CA HIS B 523 32.71 5.62 8.13
C HIS B 523 31.73 5.09 7.08
N ILE B 524 30.90 4.12 7.43
CA ILE B 524 29.82 3.66 6.51
C ILE B 524 28.71 4.72 6.50
N LYS B 525 28.36 5.28 7.66
CA LYS B 525 27.33 6.33 7.75
C LYS B 525 27.82 7.63 7.08
N SER B 526 29.08 8.00 7.31
CA SER B 526 29.65 9.26 6.76
C SER B 526 29.85 9.11 5.24
N HIS B 527 30.35 7.97 4.78
CA HIS B 527 30.67 7.77 3.35
C HIS B 527 29.38 7.68 2.52
N ILE B 528 28.34 7.04 3.06
CA ILE B 528 27.08 6.85 2.31
C ILE B 528 26.24 8.13 2.40
N ALA B 529 26.06 8.68 3.60
CA ALA B 529 25.34 9.97 3.77
C ALA B 529 25.96 11.00 2.81
N THR B 530 27.29 10.98 2.65
CA THR B 530 28.03 11.92 1.76
C THR B 530 27.72 11.62 0.30
N LYS B 531 27.88 10.37 -0.12
CA LYS B 531 27.77 9.96 -1.54
C LYS B 531 26.30 9.98 -1.99
N MET B 532 25.34 9.58 -1.14
CA MET B 532 23.90 9.49 -1.51
C MET B 532 23.14 10.76 -1.09
N GLY B 533 23.80 11.74 -0.47
CA GLY B 533 23.15 12.96 0.05
C GLY B 533 21.98 12.62 0.95
N LEU B 534 22.20 11.72 1.92
CA LEU B 534 21.17 11.28 2.90
C LEU B 534 21.58 11.75 4.30
N SER B 535 20.60 11.80 5.22
CA SER B 535 20.82 12.08 6.64
C SER B 535 21.48 10.86 7.30
N ALA B 536 22.65 11.05 7.92
CA ALA B 536 23.35 9.97 8.65
C ALA B 536 22.38 9.24 9.59
N SER B 537 21.40 9.93 10.19
CA SER B 537 20.39 9.32 11.10
C SER B 537 19.68 8.17 10.38
N ARG B 538 19.56 8.24 9.05
CA ARG B 538 18.82 7.28 8.19
C ARG B 538 19.67 6.03 7.89
N ILE B 539 20.96 6.05 8.20
CA ILE B 539 21.88 4.91 7.92
C ILE B 539 22.10 4.13 9.22
N ILE B 540 21.62 2.89 9.28
CA ILE B 540 21.78 2.00 10.46
C ILE B 540 22.88 0.99 10.14
N PRO B 541 24.07 1.07 10.78
CA PRO B 541 25.15 0.11 10.51
C PRO B 541 25.09 -1.07 11.50
N VAL B 542 24.83 -2.29 11.02
CA VAL B 542 24.78 -3.53 11.86
C VAL B 542 25.86 -4.49 11.37
N GLN B 543 26.71 -4.96 12.29
CA GLN B 543 27.82 -5.90 12.02
C GLN B 543 27.35 -7.34 12.30
C01 QA7 C . -6.76 19.44 11.36
C02 QA7 C . -6.24 19.32 9.98
C03 QA7 C . -7.14 20.02 9.01
C04 QA7 C . -6.00 17.85 9.79
C05 QA7 C . -6.34 17.26 8.45
C06 QA7 C . -5.32 16.43 7.74
C10 QA7 C . -5.01 12.97 7.83
C11 QA7 C . -4.33 12.19 8.72
C12 QA7 C . -5.35 11.58 9.77
C13 QA7 C . -4.68 11.40 10.78
C14 QA7 C . -3.47 12.52 10.76
C16 QA7 C . -4.41 14.59 11.47
C18 QA7 C . -3.95 14.59 13.55
C19 QA7 C . -3.75 14.83 14.92
C21 QA7 C . -2.69 12.88 15.10
C23 QA7 C . -3.47 13.47 13.04
N15 QA7 C . -3.77 13.50 11.74
N17 QA7 C . -4.54 15.28 12.58
N20 QA7 C . -3.14 13.95 15.63
N22 QA7 C . -2.83 12.62 13.85
N24 QA7 C . -4.26 16.01 15.48
O07 QA7 C . -5.60 15.77 6.60
O09 QA7 C . -4.18 13.51 6.87
O25 QA7 C . -3.44 13.01 9.60
O26 QA7 C . -3.96 10.16 10.85
O27 QA7 C . -6.09 10.34 9.35
O28 QA7 C . -3.80 15.27 5.10
O29 QA7 C . -5.61 13.95 5.02
O30 QA7 C . -4.29 16.38 8.18
O31 QA7 C . -7.39 17.39 8.04
P08 QA7 C . -4.76 14.61 5.91
H013 QA7 C . -6.14 19.04 11.99
H011 QA7 C . -6.88 20.38 11.57
H012 QA7 C . -7.62 18.98 11.43
H021 QA7 C . -5.39 19.76 9.82
H033 QA7 C . -6.78 19.93 8.12
H031 QA7 C . -7.20 20.96 9.25
H032 QA7 C . -8.02 19.62 9.05
H042 QA7 C . -5.06 17.69 9.94
H041 QA7 C . -6.51 17.39 10.45
H102 QA7 C . -5.43 13.71 8.31
H101 QA7 C . -5.69 12.44 7.39
H111 QA7 C . -3.83 11.52 8.24
H121 QA7 C . -6.05 12.23 9.91
H131 QA7 C . -5.33 11.49 11.50
H141 QA7 C . -2.61 12.12 10.92
H161 QA7 C . -4.74 14.84 10.64
H211 QA7 C . -2.24 12.27 15.64
H242 QA7 C . -3.95 16.28 16.24
H241 QA7 C . -4.88 16.45 15.08
H261 QA7 C . -4.42 9.54 10.50
H271 QA7 C . -5.60 9.87 8.83
S SO4 D . 2.12 34.70 -4.21
O1 SO4 D . 2.45 34.45 -5.59
O2 SO4 D . 2.42 33.56 -3.40
O3 SO4 D . 0.72 34.99 -4.11
O4 SO4 D . 2.85 35.82 -3.71
S SO4 E . -2.77 35.10 30.01
O1 SO4 E . -3.98 34.89 30.75
O2 SO4 E . -2.27 33.83 29.58
O3 SO4 E . -3.06 35.91 28.86
O4 SO4 E . -1.81 35.75 30.83
S SO4 F . -7.98 45.82 -11.00
O1 SO4 F . -8.29 45.28 -9.71
O2 SO4 F . -7.58 44.77 -11.88
O3 SO4 F . -9.13 46.49 -11.54
O4 SO4 F . -6.91 46.78 -10.88
S SO4 G . -13.52 43.50 -17.92
O1 SO4 G . -14.22 42.31 -17.60
O2 SO4 G . -12.28 43.17 -18.56
O3 SO4 G . -14.34 44.25 -18.86
O4 SO4 G . -13.29 44.26 -16.70
S SO4 H . -20.79 42.88 -14.45
O1 SO4 H . -22.21 43.03 -14.66
O2 SO4 H . -20.53 41.73 -13.65
O3 SO4 H . -20.13 42.73 -15.74
O4 SO4 H . -20.31 44.03 -13.75
S SO4 I . -20.50 23.84 -20.15
O1 SO4 I . -21.36 23.00 -19.35
O2 SO4 I . -19.93 23.05 -21.22
O3 SO4 I . -19.46 24.38 -19.33
O4 SO4 I . -21.29 24.91 -20.71
S SO4 J . 0.52 7.18 -20.50
O1 SO4 J . 0.48 6.67 -21.85
O2 SO4 J . 0.70 6.07 -19.60
O3 SO4 J . 1.63 8.09 -20.34
O4 SO4 J . -0.72 7.88 -20.22
S SO4 K . -9.82 -2.87 10.14
O1 SO4 K . -10.85 -2.91 9.11
O2 SO4 K . -9.29 -4.19 10.37
O3 SO4 K . -10.34 -2.34 11.37
O4 SO4 K . -8.76 -2.01 9.68
S SO4 L . 1.05 31.17 34.29
O1 SO4 L . 0.03 30.90 35.23
O2 SO4 L . 1.74 29.97 34.01
O3 SO4 L . 0.49 31.72 33.11
O4 SO4 L . 1.98 32.09 34.84
S SO4 M . 0.92 4.88 -13.42
O1 SO4 M . -0.31 4.68 -12.70
O2 SO4 M . 1.75 3.73 -13.28
O3 SO4 M . 0.63 5.08 -14.81
O4 SO4 M . 1.59 6.03 -12.89
S SO4 N . 14.76 33.22 2.11
O1 SO4 N . 13.56 32.61 2.58
O2 SO4 N . 15.32 32.43 1.04
O3 SO4 N . 14.47 34.54 1.61
O4 SO4 N . 15.71 33.31 3.18
S SO4 O . 12.74 39.22 4.04
O1 SO4 O . 11.48 38.64 4.39
O2 SO4 O . 13.79 38.58 4.77
O3 SO4 O . 12.97 39.06 2.63
O4 SO4 O . 12.73 40.63 4.35
S SO4 P . 2.92 11.90 13.57
O1 SO4 P . 1.54 12.08 13.38
O2 SO4 P . 3.21 10.52 13.38
O3 SO4 P . 3.66 12.65 12.64
O4 SO4 P . 3.31 12.26 14.87
C1 GOL Q . -20.20 -3.42 5.52
O1 GOL Q . -19.00 -3.41 6.28
C2 GOL Q . -20.57 -4.78 4.97
O2 GOL Q . -20.63 -5.74 6.01
C3 GOL Q . -21.87 -4.80 4.21
O3 GOL Q . -21.82 -5.66 3.09
H11 GOL Q . -20.95 -3.10 6.04
H12 GOL Q . -20.13 -2.81 4.75
HO1 GOL Q . -18.86 -4.21 6.56
H2 GOL Q . -19.86 -4.99 4.34
HO2 GOL Q . -20.51 -6.50 5.67
H31 GOL Q . -22.56 -5.06 4.84
H32 GOL Q . -22.07 -3.89 3.97
HO3 GOL Q . -22.12 -6.42 3.32
C01 QA7 R . 2.54 -21.02 -10.95
C02 QA7 R . 3.56 -19.95 -11.22
C03 QA7 R . 4.88 -20.59 -11.49
C04 QA7 R . 3.76 -18.96 -10.11
C05 QA7 R . 2.71 -17.89 -10.01
C06 QA7 R . 2.55 -17.18 -8.72
C10 QA7 R . 3.47 -13.88 -8.26
C11 QA7 R . 4.62 -13.34 -7.73
C12 QA7 R . 5.49 -12.71 -8.90
C13 QA7 R . 6.65 -12.83 -8.50
C14 QA7 R . 6.61 -14.20 -7.54
C16 QA7 R . 6.59 -16.15 -8.95
C18 QA7 R . 8.67 -16.55 -9.11
C19 QA7 R . 9.98 -17.01 -9.34
C21 QA7 R . 10.77 -15.32 -8.08
C23 QA7 R . 8.51 -15.48 -8.32
N15 QA7 R . 7.21 -15.26 -8.23
N17 QA7 R . 7.47 -16.95 -9.49
N20 QA7 R . 10.98 -16.35 -8.82
N22 QA7 R . 9.60 -14.87 -7.83
N24 QA7 R . 10.21 -18.13 -10.16
O07 QA7 R . 1.44 -16.44 -8.56
O09 QA7 R . 2.66 -14.45 -7.30
O25 QA7 R . 5.43 -14.49 -7.28
O26 QA7 R . 7.12 -11.73 -7.69
O27 QA7 R . 5.07 -11.29 -9.26
O28 QA7 R . 0.44 -14.24 -8.49
O29 QA7 R . 0.51 -15.53 -6.61
O30 QA7 R . 3.32 -17.30 -7.89
O31 QA7 R . 2.04 -17.62 -10.90
P08 QA7 R . 1.29 -15.13 -7.73
H013 QA7 R . 2.68 -21.76 -11.56
H011 QA7 R . 1.65 -20.65 -11.10
H012 QA7 R . 2.63 -21.33 -10.03
H021 QA7 R . 3.21 -19.46 -11.99
H033 QA7 R . 4.78 -21.26 -12.19
H031 QA7 R . 5.21 -21.01 -10.69
H032 QA7 R . 5.51 -19.91 -11.78
H042 QA7 R . 3.77 -19.45 -9.27
H041 QA7 R . 4.62 -18.54 -10.24
H102 QA7 R . 3.70 -14.54 -8.91
H101 QA7 R . 2.96 -13.16 -8.69
H111 QA7 R . 4.44 -12.69 -7.04
H121 QA7 R . 5.39 -13.21 -9.73
H131 QA7 R . 7.21 -12.93 -9.30
H141 QA7 R . 7.06 -14.00 -6.71
H161 QA7 R . 5.67 -16.22 -9.05
H211 QA7 R . 11.51 -14.88 -7.70
H242 QA7 R . 9.87 -18.16 -10.95
H241 QA7 R . 10.69 -18.78 -9.87
H261 QA7 R . 6.74 -11.75 -6.94
H271 QA7 R . 5.33 -11.12 -10.06
S SO4 S . 20.63 -39.16 -14.61
O1 SO4 S . 19.64 -40.14 -15.00
O2 SO4 S . 21.91 -39.81 -14.47
O3 SO4 S . 20.74 -38.10 -15.60
O4 SO4 S . 20.27 -38.59 -13.34
S SO4 T . -10.38 -34.65 -0.90
O1 SO4 T . -11.43 -34.39 0.04
O2 SO4 T . -9.84 -35.98 -0.68
O3 SO4 T . -10.94 -34.61 -2.23
O4 SO4 T . -9.35 -33.66 -0.73
S SO4 U . -13.81 -4.23 3.85
O1 SO4 U . -15.22 -3.91 3.91
O2 SO4 U . -13.60 -5.61 4.24
O3 SO4 U . -13.33 -4.03 2.51
O4 SO4 U . -13.05 -3.39 4.74
S SO4 V . -1.08 -36.01 9.79
O1 SO4 V . -2.10 -37.04 9.82
O2 SO4 V . 0.23 -36.63 9.95
O3 SO4 V . -1.15 -35.32 8.51
O4 SO4 V . -1.31 -35.06 10.85
S SO4 W . 26.35 -36.56 -10.78
O1 SO4 W . 25.18 -36.43 -11.62
O2 SO4 W . 26.71 -37.95 -10.68
O3 SO4 W . 27.42 -35.81 -11.37
O4 SO4 W . 26.06 -36.04 -9.45
S SO4 X . -28.98 -18.24 -17.21
O1 SO4 X . -30.29 -18.68 -17.25
O2 SO4 X . -28.21 -19.15 -17.90
O3 SO4 X . -28.89 -16.99 -17.82
O4 SO4 X . -28.59 -18.19 -15.89
S SO4 Y . -0.35 -41.90 6.15
O1 SO4 Y . -1.54 -42.51 5.70
O2 SO4 Y . 0.57 -42.88 6.62
O3 SO4 Y . 0.25 -41.20 5.06
O4 SO4 Y . -0.67 -41.04 7.22
S SO4 Z . 6.11 2.04 -12.14
O1 SO4 Z . 5.46 1.41 -11.09
O2 SO4 Z . 5.58 1.60 -13.34
O3 SO4 Z . 7.53 1.78 -12.08
O4 SO4 Z . 5.84 3.40 -12.07
#